data_8A1M
#
_entry.id   8A1M
#
_cell.length_a   61.700
_cell.length_b   95.070
_cell.length_c   75.450
_cell.angle_alpha   90.000
_cell.angle_beta   92.220
_cell.angle_gamma   90.000
#
_symmetry.space_group_name_H-M   'P 1 21 1'
#
loop_
_entity.id
_entity.type
_entity.pdbx_description
1 polymer 'L,D-transpeptidase 2'
2 non-polymer 1-(2-fluoranyl-5-methylsulfonyl-phenyl)pyrrolidine-2,5-dione
3 non-polymer 1,2-ETHANEDIOL
4 non-polymer 'DIMETHYL SULFOXIDE'
5 non-polymer GLYCEROL
6 non-polymer 'SODIUM ION'
7 non-polymer 'CHLORIDE ION'
8 water water
#
_entity_poly.entity_id   1
_entity_poly.type   'polypeptide(L)'
_entity_poly.pdbx_seq_one_letter_code
;QSDLLVPKLTASVTDGAVGVTVDAPVSVTAADGVLAAVTMVNDNGRPVAGRLSPDGLRWSTTEQLGYNRRYTLNATALGL
GGAATRQLTFQTSSPAHLTMPYVMPGDGEVVGVGEPVAIRFDENIADRGAAEKAIKITTNPPVEGAFYWLNNREVRWRPE
HFWKPGTAVDVAVNTYGVDLGEGMFGEDNVQTHFTIGDEVIATADDNTKILTVRVNGEVVKSMPTSMGKDSTPTANGIYI
VGSRYKHIIMDSSTYGVPVNSPNGYRTDVDWATQISYSGVFVHSAPWSVGAQGHTNTSHGCLNVSPSNAQWFYDHVKRGD
IVEVVNTVGGTLPGIDGLGDWNIPWDQWRAGNAKA
;
_entity_poly.pdbx_strand_id   A,B
#
loop_
_chem_comp.id
_chem_comp.type
_chem_comp.name
_chem_comp.formula
CL non-polymer 'CHLORIDE ION' 'Cl -1'
DMS non-polymer 'DIMETHYL SULFOXIDE' 'C2 H6 O S'
EDO non-polymer 1,2-ETHANEDIOL 'C2 H6 O2'
GOL non-polymer GLYCEROL 'C3 H8 O3'
KUL non-polymer 1-(2-fluoranyl-5-methylsulfonyl-phenyl)pyrrolidine-2,5-dione 'C11 H10 F N O4 S'
NA non-polymer 'SODIUM ION' 'Na 1'
#
# COMPACT_ATOMS: atom_id res chain seq x y z
N SER A 2 -7.82 -18.64 40.02
CA SER A 2 -7.50 -17.68 38.98
C SER A 2 -6.63 -16.55 39.52
N ASP A 3 -5.42 -16.42 38.98
CA ASP A 3 -4.50 -15.40 39.45
C ASP A 3 -4.89 -14.03 38.88
N LEU A 4 -4.26 -12.99 39.43
CA LEU A 4 -4.61 -11.61 39.07
C LEU A 4 -4.30 -11.32 37.61
N LEU A 5 -5.35 -11.09 36.82
CA LEU A 5 -5.18 -10.60 35.45
C LEU A 5 -4.96 -9.09 35.47
N VAL A 6 -4.18 -8.59 34.53
CA VAL A 6 -3.69 -7.22 34.57
C VAL A 6 -4.07 -6.50 33.28
N PRO A 7 -4.72 -5.32 33.35
CA PRO A 7 -5.11 -4.64 32.11
C PRO A 7 -3.89 -4.20 31.29
N LYS A 8 -4.08 -4.19 29.97
CA LYS A 8 -3.05 -3.77 29.03
C LYS A 8 -3.57 -2.64 28.15
N LEU A 9 -2.64 -1.85 27.63
CA LEU A 9 -2.96 -0.68 26.82
C LEU A 9 -2.30 -0.78 25.46
N THR A 10 -3.05 -0.39 24.42
CA THR A 10 -2.56 -0.41 23.05
C THR A 10 -2.95 0.89 22.38
N ALA A 11 -1.95 1.63 21.90
CA ALA A 11 -2.18 2.91 21.23
C ALA A 11 -1.72 2.82 19.77
N SER A 12 -2.40 3.59 18.91
CA SER A 12 -2.05 3.63 17.50
C SER A 12 -0.81 4.47 17.21
N VAL A 13 -0.18 5.02 18.24
CA VAL A 13 1.10 5.72 18.12
C VAL A 13 2.05 5.14 19.16
N THR A 14 3.33 5.36 18.94
CA THR A 14 4.37 4.86 19.83
C THR A 14 5.08 6.03 20.51
N ASP A 15 5.41 5.84 21.78
CA ASP A 15 6.11 6.87 22.54
C ASP A 15 7.43 7.22 21.85
N GLY A 16 7.65 8.52 21.66
CA GLY A 16 8.87 8.99 21.04
C GLY A 16 8.86 9.00 19.52
N ALA A 17 7.73 8.69 18.89
CA ALA A 17 7.67 8.64 17.44
C ALA A 17 7.68 10.04 16.84
N VAL A 18 8.22 10.13 15.62
CA VAL A 18 8.28 11.38 14.88
C VAL A 18 7.65 11.18 13.51
N GLY A 19 7.30 12.29 12.87
CA GLY A 19 6.72 12.25 11.54
C GLY A 19 5.41 11.51 11.46
N VAL A 20 4.65 11.47 12.56
CA VAL A 20 3.35 10.81 12.56
C VAL A 20 2.41 11.57 11.64
N THR A 21 1.82 10.88 10.66
CA THR A 21 0.90 11.51 9.73
C THR A 21 -0.46 11.69 10.37
N VAL A 22 -1.10 12.82 10.07
CA VAL A 22 -2.36 13.19 10.69
C VAL A 22 -3.56 12.77 9.81
N ASP A 23 -3.34 11.87 8.86
CA ASP A 23 -4.41 11.39 7.99
C ASP A 23 -5.26 10.31 8.65
N ALA A 24 -5.08 10.06 9.94
CA ALA A 24 -5.84 9.04 10.65
C ALA A 24 -5.99 9.47 12.10
N PRO A 25 -7.08 9.08 12.76
CA PRO A 25 -7.20 9.40 14.18
C PRO A 25 -6.21 8.58 15.02
N VAL A 26 -5.99 9.06 16.24
CA VAL A 26 -5.19 8.36 17.23
C VAL A 26 -6.14 7.67 18.19
N SER A 27 -5.86 6.40 18.51
CA SER A 27 -6.74 5.58 19.33
C SER A 27 -5.95 4.91 20.44
N VAL A 28 -6.66 4.62 21.53
CA VAL A 28 -6.13 3.84 22.65
C VAL A 28 -7.11 2.71 22.92
N THR A 29 -6.56 1.53 23.15
CA THR A 29 -7.37 0.33 23.37
C THR A 29 -6.92 -0.37 24.65
N ALA A 30 -7.89 -0.85 25.42
CA ALA A 30 -7.64 -1.57 26.66
C ALA A 30 -7.94 -3.05 26.47
N ALA A 31 -7.11 -3.89 27.08
CA ALA A 31 -7.30 -5.33 27.07
C ALA A 31 -7.29 -5.84 28.50
N ASP A 32 -8.19 -6.77 28.81
CA ASP A 32 -8.34 -7.29 30.17
C ASP A 32 -8.67 -6.17 31.15
N GLY A 33 -9.47 -5.23 30.69
CA GLY A 33 -9.85 -4.08 31.49
C GLY A 33 -10.50 -3.03 30.63
N VAL A 34 -10.98 -1.97 31.30
CA VAL A 34 -11.63 -0.86 30.63
C VAL A 34 -10.81 0.40 30.84
N LEU A 35 -11.13 1.43 30.05
CA LEU A 35 -10.43 2.71 30.11
C LEU A 35 -11.13 3.61 31.12
N ALA A 36 -10.37 4.11 32.09
CA ALA A 36 -10.90 4.98 33.13
C ALA A 36 -10.63 6.46 32.86
N ALA A 37 -9.56 6.78 32.14
CA ALA A 37 -9.25 8.16 31.84
C ALA A 37 -8.31 8.18 30.64
N VAL A 38 -8.60 9.03 29.67
CA VAL A 38 -7.76 9.19 28.49
C VAL A 38 -7.79 10.66 28.09
N THR A 39 -6.63 11.30 28.10
CA THR A 39 -6.50 12.70 27.71
C THR A 39 -5.35 12.84 26.73
N MET A 40 -5.49 13.80 25.81
N MET A 40 -5.53 13.75 25.77
CA MET A 40 -4.47 14.10 24.83
CA MET A 40 -4.47 14.12 24.84
C MET A 40 -4.40 15.62 24.67
C MET A 40 -4.41 15.63 24.76
N VAL A 41 -3.21 16.18 24.86
CA VAL A 41 -2.99 17.62 24.78
C VAL A 41 -1.84 17.88 23.83
N ASN A 42 -1.85 19.07 23.22
CA ASN A 42 -0.79 19.47 22.32
C ASN A 42 0.32 20.15 23.12
N ASP A 43 1.33 20.66 22.39
CA ASP A 43 2.49 21.28 23.03
C ASP A 43 2.11 22.50 23.87
N ASN A 44 0.99 23.15 23.56
CA ASN A 44 0.56 24.32 24.31
C ASN A 44 -0.36 23.99 25.49
N GLY A 45 -0.69 22.71 25.69
CA GLY A 45 -1.56 22.31 26.78
C GLY A 45 -3.03 22.27 26.43
N ARG A 46 -3.40 22.57 25.20
CA ARG A 46 -4.81 22.56 24.81
C ARG A 46 -5.27 21.11 24.61
N PRO A 47 -6.39 20.71 25.20
CA PRO A 47 -6.84 19.33 25.03
C PRO A 47 -7.31 19.06 23.61
N VAL A 48 -7.31 17.79 23.24
CA VAL A 48 -7.77 17.30 21.94
C VAL A 48 -9.10 16.60 22.16
N ALA A 49 -10.09 16.93 21.34
CA ALA A 49 -11.40 16.32 21.46
C ALA A 49 -11.31 14.81 21.22
N GLY A 50 -12.00 14.05 22.07
CA GLY A 50 -12.01 12.61 21.95
C GLY A 50 -13.34 12.04 22.38
N ARG A 51 -13.50 10.74 22.14
CA ARG A 51 -14.73 10.02 22.48
C ARG A 51 -14.37 8.62 22.95
N LEU A 52 -14.82 8.27 24.15
CA LEU A 52 -14.65 6.92 24.68
C LEU A 52 -15.87 6.08 24.31
N SER A 53 -15.63 4.87 23.83
CA SER A 53 -16.71 4.01 23.40
C SER A 53 -17.57 3.60 24.59
N PRO A 54 -18.84 3.25 24.35
CA PRO A 54 -19.71 2.86 25.48
C PRO A 54 -19.16 1.73 26.31
N ASP A 55 -18.58 0.70 25.69
CA ASP A 55 -18.03 -0.41 26.44
C ASP A 55 -16.73 -0.05 27.15
N GLY A 56 -16.18 1.14 26.90
CA GLY A 56 -14.99 1.58 27.60
C GLY A 56 -13.70 0.99 27.13
N LEU A 57 -13.68 0.31 25.98
CA LEU A 57 -12.47 -0.32 25.49
C LEU A 57 -11.74 0.52 24.44
N ARG A 58 -12.36 1.56 23.90
CA ARG A 58 -11.81 2.30 22.78
C ARG A 58 -11.99 3.78 22.99
N TRP A 59 -10.88 4.53 22.90
CA TRP A 59 -10.90 5.99 22.89
C TRP A 59 -10.23 6.44 21.59
N SER A 60 -10.85 7.41 20.92
CA SER A 60 -10.32 7.92 19.67
C SER A 60 -10.46 9.43 19.64
N THR A 61 -9.54 10.07 18.93
CA THR A 61 -9.64 11.50 18.70
C THR A 61 -10.78 11.78 17.73
N THR A 62 -11.62 12.76 18.05
CA THR A 62 -12.79 13.09 17.25
C THR A 62 -12.61 14.36 16.44
N GLU A 63 -11.41 14.93 16.41
CA GLU A 63 -11.13 16.11 15.61
C GLU A 63 -9.83 15.92 14.86
N GLN A 64 -9.66 16.71 13.82
CA GLN A 64 -8.47 16.65 12.98
C GLN A 64 -7.25 17.09 13.77
N LEU A 65 -6.15 16.34 13.63
CA LEU A 65 -4.90 16.67 14.28
C LEU A 65 -4.05 17.55 13.36
N GLY A 66 -3.24 18.41 13.98
CA GLY A 66 -2.52 19.45 13.26
C GLY A 66 -1.09 19.07 12.92
N TYR A 67 -0.59 19.70 11.86
CA TYR A 67 0.80 19.57 11.48
C TYR A 67 1.71 20.24 12.51
N ASN A 68 2.98 19.86 12.50
CA ASN A 68 4.01 20.51 13.32
C ASN A 68 3.55 20.68 14.75
N ARG A 69 3.07 19.59 15.34
CA ARG A 69 2.57 19.58 16.70
C ARG A 69 3.20 18.43 17.47
N ARG A 70 3.42 18.64 18.77
N ARG A 70 3.42 18.64 18.77
CA ARG A 70 3.93 17.62 19.66
CA ARG A 70 3.93 17.63 19.68
C ARG A 70 2.82 17.30 20.66
C ARG A 70 2.81 17.30 20.66
N TYR A 71 2.22 16.11 20.51
CA TYR A 71 1.10 15.70 21.33
C TYR A 71 1.55 14.79 22.46
N THR A 72 0.88 14.91 23.60
CA THR A 72 1.13 14.10 24.78
C THR A 72 -0.17 13.39 25.15
N LEU A 73 -0.08 12.10 25.42
CA LEU A 73 -1.25 11.25 25.63
C LEU A 73 -1.10 10.49 26.94
N ASN A 74 -2.15 10.52 27.76
CA ASN A 74 -2.19 9.82 29.04
C ASN A 74 -3.43 8.94 29.07
N ALA A 75 -3.25 7.67 29.41
CA ALA A 75 -4.36 6.72 29.48
C ALA A 75 -4.20 5.85 30.72
N THR A 76 -5.31 5.62 31.41
CA THR A 76 -5.35 4.77 32.58
C THR A 76 -6.39 3.69 32.37
N ALA A 77 -5.98 2.44 32.50
CA ALA A 77 -6.87 1.28 32.35
C ALA A 77 -7.01 0.59 33.70
N LEU A 78 -8.26 0.36 34.11
CA LEU A 78 -8.57 -0.34 35.34
C LEU A 78 -9.16 -1.71 35.04
N GLY A 79 -8.91 -2.66 35.94
CA GLY A 79 -9.42 -4.01 35.79
C GLY A 79 -9.60 -4.66 37.14
N LEU A 80 -10.11 -5.89 37.11
CA LEU A 80 -10.32 -6.63 38.35
C LEU A 80 -8.99 -6.91 39.05
N GLY A 81 -7.90 -7.02 38.30
CA GLY A 81 -6.60 -7.31 38.89
C GLY A 81 -5.59 -6.21 38.65
N GLY A 82 -5.82 -5.04 39.22
CA GLY A 82 -4.86 -3.96 39.18
C GLY A 82 -5.20 -2.90 38.16
N ALA A 83 -4.20 -2.08 37.86
CA ALA A 83 -4.34 -0.96 36.94
C ALA A 83 -3.08 -0.83 36.10
N ALA A 84 -3.14 0.04 35.09
CA ALA A 84 -2.01 0.30 34.22
C ALA A 84 -2.15 1.69 33.64
N THR A 85 -1.05 2.43 33.62
CA THR A 85 -1.02 3.78 33.08
C THR A 85 0.18 3.92 32.16
N ARG A 86 0.01 4.77 31.14
CA ARG A 86 1.07 5.03 30.18
C ARG A 86 0.99 6.47 29.73
N GLN A 87 2.14 7.09 29.50
CA GLN A 87 2.24 8.42 28.92
C GLN A 87 3.05 8.32 27.63
N LEU A 88 2.47 8.82 26.54
CA LEU A 88 3.08 8.73 25.23
C LEU A 88 3.13 10.13 24.61
N THR A 89 4.28 10.48 24.04
CA THR A 89 4.46 11.75 23.35
C THR A 89 4.97 11.47 21.94
N PHE A 90 4.40 12.17 20.97
CA PHE A 90 4.78 11.99 19.58
C PHE A 90 4.65 13.31 18.84
N GLN A 91 5.35 13.43 17.73
CA GLN A 91 5.40 14.65 16.94
C GLN A 91 4.88 14.36 15.55
N THR A 92 3.94 15.18 15.09
CA THR A 92 3.30 14.96 13.80
C THR A 92 4.18 15.50 12.67
N SER A 93 3.70 15.32 11.43
CA SER A 93 4.44 15.77 10.27
C SER A 93 4.58 17.30 10.27
N SER A 94 5.75 17.77 9.82
CA SER A 94 5.99 19.18 9.57
C SER A 94 6.20 19.39 8.08
N PRO A 95 5.15 19.70 7.32
CA PRO A 95 5.32 19.81 5.87
C PRO A 95 6.28 20.92 5.49
N ALA A 96 6.99 20.71 4.39
CA ALA A 96 7.76 21.80 3.79
C ALA A 96 6.84 22.75 3.04
N HIS A 97 5.78 22.23 2.42
N HIS A 97 5.80 22.23 2.39
CA HIS A 97 4.82 23.08 1.72
CA HIS A 97 4.83 23.04 1.68
C HIS A 97 3.47 22.40 1.76
C HIS A 97 3.45 22.41 1.82
N LEU A 98 2.42 23.19 1.53
CA LEU A 98 1.05 22.71 1.53
C LEU A 98 0.45 22.88 0.14
N THR A 99 -0.61 22.11 -0.12
CA THR A 99 -1.31 22.17 -1.40
C THR A 99 -2.78 21.90 -1.17
N MET A 100 -3.63 22.75 -1.73
CA MET A 100 -5.08 22.61 -1.59
C MET A 100 -5.67 22.08 -2.88
N PRO A 101 -6.47 21.01 -2.85
CA PRO A 101 -7.13 20.53 -4.06
C PRO A 101 -8.44 21.24 -4.33
N TYR A 102 -8.82 21.25 -5.61
CA TYR A 102 -10.09 21.81 -6.06
C TYR A 102 -10.73 20.79 -6.99
N VAL A 103 -12.00 20.48 -6.76
CA VAL A 103 -12.69 19.39 -7.44
C VAL A 103 -13.82 19.95 -8.30
N MET A 104 -13.91 19.46 -9.53
CA MET A 104 -15.03 19.69 -10.42
C MET A 104 -15.59 18.35 -10.88
N PRO A 105 -16.90 18.26 -11.17
CA PRO A 105 -17.88 19.34 -11.11
C PRO A 105 -18.31 19.66 -9.69
N GLY A 106 -19.15 20.68 -9.52
CA GLY A 106 -19.55 21.11 -8.19
C GLY A 106 -20.43 20.11 -7.50
N ASP A 107 -20.49 20.23 -6.17
CA ASP A 107 -21.29 19.32 -5.37
C ASP A 107 -22.77 19.51 -5.67
N GLY A 108 -23.45 18.42 -5.99
CA GLY A 108 -24.86 18.47 -6.33
C GLY A 108 -25.18 18.77 -7.77
N GLU A 109 -24.18 19.04 -8.60
CA GLU A 109 -24.42 19.39 -9.99
C GLU A 109 -24.99 18.21 -10.76
N VAL A 110 -25.64 18.52 -11.88
CA VAL A 110 -26.05 17.54 -12.87
C VAL A 110 -25.30 17.88 -14.15
N VAL A 111 -24.54 16.90 -14.67
CA VAL A 111 -23.64 17.12 -15.79
C VAL A 111 -23.92 16.09 -16.87
N GLY A 112 -23.37 16.36 -18.06
CA GLY A 112 -23.54 15.48 -19.21
C GLY A 112 -22.69 14.23 -19.13
N VAL A 113 -22.86 13.37 -20.15
CA VAL A 113 -22.24 12.05 -20.16
C VAL A 113 -20.75 12.09 -20.41
N GLY A 114 -20.19 13.25 -20.72
CA GLY A 114 -18.77 13.38 -20.97
C GLY A 114 -17.97 14.05 -19.87
N GLU A 115 -18.58 14.37 -18.74
CA GLU A 115 -17.88 15.09 -17.68
C GLU A 115 -16.98 14.13 -16.92
N PRO A 116 -15.67 14.35 -16.90
CA PRO A 116 -14.79 13.57 -16.02
C PRO A 116 -14.70 14.20 -14.64
N VAL A 117 -14.28 13.37 -13.68
CA VAL A 117 -13.91 13.88 -12.36
C VAL A 117 -12.58 14.61 -12.50
N ALA A 118 -12.50 15.82 -11.94
CA ALA A 118 -11.30 16.62 -11.98
C ALA A 118 -10.85 16.98 -10.58
N ILE A 119 -9.57 16.76 -10.30
CA ILE A 119 -8.95 17.17 -9.04
C ILE A 119 -7.76 18.04 -9.41
N ARG A 120 -7.85 19.33 -9.11
CA ARG A 120 -6.81 20.30 -9.42
C ARG A 120 -6.13 20.75 -8.12
N PHE A 121 -4.83 20.55 -8.04
CA PHE A 121 -4.04 21.06 -6.93
C PHE A 121 -3.43 22.41 -7.31
N ASP A 122 -3.14 23.22 -6.29
CA ASP A 122 -2.54 24.53 -6.49
C ASP A 122 -1.02 24.51 -6.41
N GLU A 123 -0.42 23.33 -6.43
CA GLU A 123 1.03 23.20 -6.49
C GLU A 123 1.36 21.94 -7.29
N ASN A 124 2.61 21.85 -7.73
CA ASN A 124 3.04 20.69 -8.48
C ASN A 124 3.06 19.46 -7.57
N ILE A 125 2.59 18.34 -8.10
CA ILE A 125 2.47 17.09 -7.35
C ILE A 125 3.63 16.18 -7.77
N ALA A 126 4.59 16.00 -6.86
CA ALA A 126 5.77 15.20 -7.17
C ALA A 126 5.49 13.70 -7.09
N ASP A 127 4.54 13.29 -6.25
CA ASP A 127 4.19 11.87 -6.07
C ASP A 127 2.75 11.67 -6.49
N ARG A 128 2.55 11.52 -7.81
CA ARG A 128 1.20 11.34 -8.34
C ARG A 128 0.56 10.08 -7.76
N GLY A 129 1.34 9.02 -7.56
CA GLY A 129 0.78 7.78 -7.03
C GLY A 129 0.07 7.99 -5.71
N ALA A 130 0.71 8.72 -4.79
CA ALA A 130 0.09 9.00 -3.51
C ALA A 130 -1.19 9.80 -3.69
N ALA A 131 -1.19 10.77 -4.61
CA ALA A 131 -2.40 11.54 -4.86
C ALA A 131 -3.53 10.64 -5.34
N GLU A 132 -3.24 9.75 -6.27
CA GLU A 132 -4.26 8.83 -6.78
C GLU A 132 -4.75 7.91 -5.67
N LYS A 133 -3.85 7.40 -4.85
CA LYS A 133 -4.24 6.51 -3.76
C LYS A 133 -5.14 7.22 -2.75
N ALA A 134 -5.00 8.53 -2.60
CA ALA A 134 -5.78 9.30 -1.63
C ALA A 134 -7.12 9.77 -2.17
N ILE A 135 -7.46 9.42 -3.41
CA ILE A 135 -8.70 9.86 -4.06
C ILE A 135 -9.56 8.63 -4.31
N LYS A 136 -10.69 8.54 -3.61
CA LYS A 136 -11.60 7.41 -3.72
C LYS A 136 -12.85 7.85 -4.46
N ILE A 137 -13.13 7.18 -5.57
N ILE A 137 -13.16 7.17 -5.56
CA ILE A 137 -14.26 7.49 -6.44
CA ILE A 137 -14.28 7.53 -6.43
C ILE A 137 -15.26 6.35 -6.36
C ILE A 137 -15.27 6.37 -6.43
N THR A 138 -16.51 6.67 -6.08
CA THR A 138 -17.59 5.69 -6.01
C THR A 138 -18.59 5.99 -7.13
N THR A 139 -19.00 4.95 -7.85
CA THR A 139 -19.93 5.08 -8.95
C THR A 139 -21.07 4.08 -8.79
N ASN A 140 -22.28 4.53 -9.08
CA ASN A 140 -23.47 3.69 -8.98
C ASN A 140 -24.38 3.93 -10.18
N PRO A 141 -24.53 2.96 -11.09
CA PRO A 141 -23.93 1.62 -11.06
C PRO A 141 -22.41 1.65 -11.23
N PRO A 142 -21.70 0.73 -10.58
CA PRO A 142 -20.24 0.76 -10.63
C PRO A 142 -19.73 0.59 -12.06
N VAL A 143 -18.70 1.37 -12.39
CA VAL A 143 -18.08 1.35 -13.70
C VAL A 143 -16.57 1.48 -13.54
N GLU A 144 -15.83 0.87 -14.46
CA GLU A 144 -14.38 0.97 -14.44
C GLU A 144 -13.93 2.34 -14.93
N GLY A 145 -12.96 2.91 -14.23
CA GLY A 145 -12.31 4.14 -14.65
C GLY A 145 -10.87 4.12 -14.17
N ALA A 146 -10.12 5.15 -14.56
CA ALA A 146 -8.71 5.23 -14.22
C ALA A 146 -8.27 6.69 -14.18
N PHE A 147 -7.10 6.91 -13.58
CA PHE A 147 -6.53 8.24 -13.45
C PHE A 147 -5.63 8.55 -14.63
N TYR A 148 -5.60 9.82 -15.03
CA TYR A 148 -4.67 10.29 -16.05
C TYR A 148 -4.45 11.77 -15.81
N TRP A 149 -3.18 12.18 -15.80
CA TRP A 149 -2.81 13.55 -15.47
C TRP A 149 -2.71 14.38 -16.74
N LEU A 150 -3.38 15.54 -16.74
CA LEU A 150 -3.28 16.47 -17.85
C LEU A 150 -2.03 17.35 -17.75
N ASN A 151 -1.63 17.68 -16.53
CA ASN A 151 -0.42 18.44 -16.28
C ASN A 151 0.06 18.10 -14.87
N ASN A 152 1.09 18.81 -14.40
CA ASN A 152 1.71 18.47 -13.12
C ASN A 152 0.83 18.77 -11.92
N ARG A 153 -0.34 19.40 -12.11
CA ARG A 153 -1.17 19.81 -11.00
C ARG A 153 -2.61 19.29 -11.04
N GLU A 154 -3.08 18.78 -12.18
CA GLU A 154 -4.47 18.36 -12.30
C GLU A 154 -4.54 16.95 -12.85
N VAL A 155 -5.39 16.13 -12.24
CA VAL A 155 -5.59 14.75 -12.66
C VAL A 155 -7.07 14.57 -12.99
N ARG A 156 -7.36 13.61 -13.86
CA ARG A 156 -8.71 13.34 -14.33
C ARG A 156 -9.02 11.87 -14.17
N TRP A 157 -10.31 11.57 -14.01
CA TRP A 157 -10.79 10.21 -13.84
C TRP A 157 -12.07 10.04 -14.64
N ARG A 158 -12.06 9.10 -15.59
CA ARG A 158 -13.24 8.84 -16.41
C ARG A 158 -13.28 7.37 -16.76
N PRO A 159 -14.44 6.86 -17.18
CA PRO A 159 -14.51 5.50 -17.71
C PRO A 159 -14.05 5.44 -19.16
N GLU A 160 -14.15 4.24 -19.74
CA GLU A 160 -13.76 4.03 -21.13
C GLU A 160 -14.70 4.78 -22.08
N HIS A 161 -15.99 4.60 -21.89
CA HIS A 161 -17.02 5.24 -22.70
C HIS A 161 -17.71 6.32 -21.87
N PHE A 162 -18.58 7.08 -22.55
CA PHE A 162 -19.34 8.12 -21.86
C PHE A 162 -20.14 7.52 -20.71
N TRP A 163 -20.41 8.34 -19.70
CA TRP A 163 -21.22 7.89 -18.59
C TRP A 163 -22.58 7.42 -19.05
N LYS A 164 -23.15 6.48 -18.33
CA LYS A 164 -24.56 6.16 -18.52
C LYS A 164 -25.42 7.18 -17.77
N PRO A 165 -26.42 7.78 -18.41
CA PRO A 165 -27.31 8.69 -17.69
C PRO A 165 -27.86 8.04 -16.43
N GLY A 166 -28.00 8.84 -15.38
CA GLY A 166 -28.48 8.36 -14.10
C GLY A 166 -27.41 7.82 -13.17
N THR A 167 -26.14 7.86 -13.58
CA THR A 167 -25.07 7.35 -12.73
C THR A 167 -24.76 8.35 -11.63
N ALA A 168 -24.62 7.85 -10.41
CA ALA A 168 -24.21 8.65 -9.27
C ALA A 168 -22.71 8.51 -9.08
N VAL A 169 -22.03 9.63 -8.87
CA VAL A 169 -20.59 9.67 -8.67
C VAL A 169 -20.29 10.39 -7.37
N ASP A 170 -19.39 9.82 -6.57
CA ASP A 170 -18.99 10.38 -5.29
C ASP A 170 -17.47 10.46 -5.25
N VAL A 171 -16.95 11.64 -4.90
CA VAL A 171 -15.52 11.90 -4.93
C VAL A 171 -15.08 12.33 -3.53
N ALA A 172 -14.10 11.61 -2.98
CA ALA A 172 -13.55 11.93 -1.66
C ALA A 172 -12.04 12.07 -1.80
N VAL A 173 -11.56 13.32 -1.78
CA VAL A 173 -10.15 13.63 -1.89
C VAL A 173 -9.60 13.73 -0.48
N ASN A 174 -9.05 12.64 0.03
CA ASN A 174 -8.55 12.57 1.40
C ASN A 174 -7.03 12.82 1.41
N THR A 175 -6.68 14.06 1.12
CA THR A 175 -5.29 14.47 1.00
C THR A 175 -4.69 15.01 2.29
N TYR A 176 -5.51 15.30 3.30
CA TYR A 176 -4.97 15.85 4.53
C TYR A 176 -4.07 14.84 5.22
N GLY A 177 -2.90 15.30 5.67
CA GLY A 177 -1.95 14.42 6.31
C GLY A 177 -1.24 13.46 5.39
N VAL A 178 -1.38 13.63 4.09
CA VAL A 178 -0.78 12.72 3.10
C VAL A 178 0.43 13.41 2.49
N ASP A 179 1.58 12.74 2.54
CA ASP A 179 2.78 13.24 1.89
C ASP A 179 2.62 13.09 0.38
N LEU A 180 2.40 14.20 -0.30
CA LEU A 180 2.27 14.21 -1.76
C LEU A 180 3.59 14.45 -2.47
N GLY A 181 4.71 14.30 -1.76
CA GLY A 181 6.02 14.34 -2.38
C GLY A 181 6.79 15.60 -2.02
N GLU A 182 8.07 15.43 -1.70
CA GLU A 182 8.98 16.55 -1.44
C GLU A 182 8.39 17.49 -0.39
N GLY A 183 7.88 16.90 0.68
CA GLY A 183 7.34 17.69 1.77
C GLY A 183 6.07 18.45 1.43
N MET A 184 5.36 18.04 0.38
CA MET A 184 4.11 18.67 0.00
C MET A 184 2.97 17.84 0.59
N PHE A 185 2.28 18.42 1.55
CA PHE A 185 1.18 17.74 2.23
C PHE A 185 -0.15 18.42 1.89
N GLY A 186 -1.22 17.64 1.96
CA GLY A 186 -2.54 18.18 1.66
C GLY A 186 -2.98 19.18 2.72
N GLU A 187 -3.53 20.29 2.25
CA GLU A 187 -4.02 21.33 3.15
C GLU A 187 -5.38 20.99 3.74
N ASP A 188 -6.17 20.15 3.07
CA ASP A 188 -7.51 19.81 3.53
C ASP A 188 -8.02 18.66 2.68
N ASN A 189 -9.19 18.14 3.07
CA ASN A 189 -9.90 17.14 2.30
C ASN A 189 -11.05 17.77 1.52
N VAL A 190 -11.50 17.07 0.49
CA VAL A 190 -12.63 17.50 -0.33
C VAL A 190 -13.59 16.34 -0.52
N GLN A 191 -14.88 16.65 -0.55
CA GLN A 191 -15.93 15.67 -0.77
C GLN A 191 -16.95 16.28 -1.71
N THR A 192 -17.04 15.73 -2.92
CA THR A 192 -18.00 16.21 -3.92
C THR A 192 -18.84 15.04 -4.41
N HIS A 193 -20.07 15.35 -4.81
CA HIS A 193 -20.99 14.36 -5.34
C HIS A 193 -21.81 15.00 -6.46
N PHE A 194 -21.90 14.32 -7.60
CA PHE A 194 -22.65 14.81 -8.74
C PHE A 194 -23.35 13.64 -9.42
N THR A 195 -24.21 13.96 -10.39
CA THR A 195 -25.03 12.97 -11.07
C THR A 195 -25.01 13.22 -12.58
N ILE A 196 -25.11 12.14 -13.35
CA ILE A 196 -25.08 12.22 -14.80
C ILE A 196 -26.50 12.38 -15.31
N GLY A 197 -26.70 13.38 -16.16
CA GLY A 197 -28.01 13.71 -16.71
C GLY A 197 -28.22 13.12 -18.08
N ASP A 198 -29.01 13.83 -18.90
CA ASP A 198 -29.37 13.36 -20.23
C ASP A 198 -28.14 13.29 -21.13
N GLU A 199 -28.24 12.43 -22.14
CA GLU A 199 -27.22 12.34 -23.18
C GLU A 199 -27.47 13.44 -24.21
N VAL A 200 -26.51 14.36 -24.34
CA VAL A 200 -26.59 15.45 -25.30
C VAL A 200 -25.28 15.45 -26.08
N ILE A 201 -25.36 15.12 -27.36
CA ILE A 201 -24.20 15.05 -28.24
C ILE A 201 -24.50 15.93 -29.46
N ALA A 202 -23.68 16.95 -29.67
CA ALA A 202 -23.80 17.85 -30.80
C ALA A 202 -22.65 17.57 -31.76
N THR A 203 -22.97 17.34 -33.03
CA THR A 203 -21.99 17.00 -34.05
C THR A 203 -21.89 18.13 -35.07
N ALA A 204 -20.66 18.58 -35.33
CA ALA A 204 -20.37 19.61 -36.32
C ALA A 204 -19.59 18.97 -37.45
N ASP A 205 -20.20 18.87 -38.62
CA ASP A 205 -19.60 18.22 -39.78
C ASP A 205 -19.13 19.31 -40.74
N ASP A 206 -17.82 19.36 -40.99
CA ASP A 206 -17.28 20.38 -41.90
C ASP A 206 -17.78 20.18 -43.33
N ASN A 207 -18.20 18.96 -43.68
CA ASN A 207 -18.73 18.72 -45.02
C ASN A 207 -20.04 19.46 -45.23
N THR A 208 -20.92 19.43 -44.24
CA THR A 208 -22.20 20.13 -44.33
C THR A 208 -22.18 21.51 -43.69
N LYS A 209 -21.19 21.79 -42.84
CA LYS A 209 -21.13 23.06 -42.11
C LYS A 209 -22.38 23.25 -41.25
N ILE A 210 -22.87 22.14 -40.70
CA ILE A 210 -24.06 22.12 -39.86
C ILE A 210 -23.69 21.56 -38.50
N LEU A 211 -24.15 22.23 -37.44
CA LEU A 211 -24.00 21.74 -36.07
C LEU A 211 -25.34 21.16 -35.63
N THR A 212 -25.39 19.82 -35.52
CA THR A 212 -26.60 19.10 -35.17
C THR A 212 -26.55 18.69 -33.71
N VAL A 213 -27.56 19.08 -32.94
CA VAL A 213 -27.67 18.71 -31.54
C VAL A 213 -28.61 17.53 -31.40
N ARG A 214 -28.18 16.50 -30.67
CA ARG A 214 -28.96 15.29 -30.45
C ARG A 214 -29.15 15.08 -28.96
N VAL A 215 -30.40 14.91 -28.54
CA VAL A 215 -30.75 14.66 -27.15
C VAL A 215 -31.32 13.24 -27.07
N ASN A 216 -30.68 12.39 -26.29
CA ASN A 216 -31.08 10.98 -26.17
C ASN A 216 -31.19 10.32 -27.53
N GLY A 217 -30.36 10.76 -28.48
CA GLY A 217 -30.32 10.17 -29.80
C GLY A 217 -31.21 10.84 -30.83
N GLU A 218 -32.09 11.74 -30.43
CA GLU A 218 -33.02 12.40 -31.32
C GLU A 218 -32.49 13.76 -31.72
N VAL A 219 -32.53 14.05 -33.02
CA VAL A 219 -32.16 15.37 -33.51
C VAL A 219 -33.19 16.39 -33.03
N VAL A 220 -32.70 17.44 -32.37
CA VAL A 220 -33.58 18.47 -31.81
C VAL A 220 -33.22 19.87 -32.29
N LYS A 221 -32.09 20.05 -32.98
CA LYS A 221 -31.70 21.37 -33.45
C LYS A 221 -30.60 21.19 -34.50
N SER A 222 -30.71 21.95 -35.59
CA SER A 222 -29.74 21.92 -36.68
C SER A 222 -29.30 23.35 -36.96
N MET A 223 -28.05 23.66 -36.63
CA MET A 223 -27.56 25.03 -36.63
C MET A 223 -26.56 25.22 -37.76
N PRO A 224 -26.85 26.05 -38.77
CA PRO A 224 -25.79 26.44 -39.72
C PRO A 224 -24.66 27.13 -38.98
N THR A 225 -23.43 26.72 -39.29
CA THR A 225 -22.27 27.18 -38.54
C THR A 225 -21.12 27.50 -39.47
N SER A 226 -20.24 28.37 -38.98
CA SER A 226 -19.00 28.71 -39.66
C SER A 226 -17.85 28.48 -38.68
N MET A 227 -16.94 27.58 -39.05
CA MET A 227 -15.87 27.16 -38.16
C MET A 227 -14.57 27.85 -38.55
N GLY A 228 -13.44 27.27 -38.12
CA GLY A 228 -12.16 27.90 -38.38
C GLY A 228 -11.75 27.77 -39.84
N LYS A 229 -11.25 28.88 -40.39
CA LYS A 229 -10.74 28.89 -41.75
C LYS A 229 -9.50 28.00 -41.84
N ASP A 230 -9.07 27.76 -43.08
CA ASP A 230 -7.97 26.83 -43.31
C ASP A 230 -6.72 27.22 -42.52
N SER A 231 -6.43 28.51 -42.43
CA SER A 231 -5.20 28.93 -41.76
C SER A 231 -5.28 28.73 -40.25
N THR A 232 -6.48 28.75 -39.68
CA THR A 232 -6.69 28.54 -38.25
C THR A 232 -7.91 27.64 -38.07
N PRO A 233 -7.79 26.37 -38.42
CA PRO A 233 -8.95 25.50 -38.48
C PRO A 233 -9.39 25.02 -37.11
N THR A 234 -10.66 24.61 -37.05
CA THR A 234 -11.18 23.91 -35.89
C THR A 234 -10.71 22.47 -35.92
N ALA A 235 -10.14 22.00 -34.81
CA ALA A 235 -9.61 20.66 -34.75
C ALA A 235 -10.72 19.64 -34.61
N ASN A 236 -10.60 18.53 -35.35
CA ASN A 236 -11.53 17.43 -35.18
C ASN A 236 -11.34 16.81 -33.80
N GLY A 237 -12.35 16.06 -33.36
CA GLY A 237 -12.27 15.30 -32.12
C GLY A 237 -13.46 15.55 -31.24
N ILE A 238 -13.32 15.15 -29.97
CA ILE A 238 -14.39 15.21 -28.99
C ILE A 238 -14.10 16.35 -28.03
N TYR A 239 -15.06 17.25 -27.86
CA TYR A 239 -14.98 18.37 -26.95
C TYR A 239 -15.97 18.19 -25.81
N ILE A 240 -15.57 18.58 -24.61
CA ILE A 240 -16.44 18.55 -23.45
C ILE A 240 -16.92 19.98 -23.19
N VAL A 241 -18.24 20.16 -23.10
CA VAL A 241 -18.78 21.48 -22.81
C VAL A 241 -18.32 21.92 -21.42
N GLY A 242 -17.84 23.16 -21.34
CA GLY A 242 -17.41 23.73 -20.07
C GLY A 242 -18.34 24.82 -19.58
N SER A 243 -17.79 25.98 -19.24
CA SER A 243 -18.59 27.06 -18.69
C SER A 243 -19.43 27.73 -19.78
N ARG A 244 -20.35 28.58 -19.35
CA ARG A 244 -21.28 29.27 -20.24
C ARG A 244 -21.38 30.73 -19.84
N TYR A 245 -21.49 31.61 -20.84
CA TYR A 245 -21.51 33.05 -20.61
C TYR A 245 -22.58 33.70 -21.48
N LYS A 246 -23.46 34.49 -20.84
CA LYS A 246 -24.41 35.30 -21.60
C LYS A 246 -23.68 36.27 -22.52
N HIS A 247 -22.53 36.77 -22.09
CA HIS A 247 -21.65 37.58 -22.93
C HIS A 247 -20.25 37.52 -22.33
N ILE A 248 -19.25 37.71 -23.19
CA ILE A 248 -17.86 37.58 -22.77
C ILE A 248 -16.98 38.29 -23.79
N ILE A 249 -15.92 38.92 -23.30
CA ILE A 249 -14.95 39.60 -24.15
C ILE A 249 -13.87 38.58 -24.52
N MET A 250 -13.88 38.13 -25.78
CA MET A 250 -12.79 37.28 -26.26
C MET A 250 -11.54 38.13 -26.42
N ASP A 251 -10.43 37.72 -25.79
CA ASP A 251 -9.19 38.48 -25.83
C ASP A 251 -8.06 37.51 -26.14
N SER A 252 -7.43 37.65 -27.30
CA SER A 252 -6.37 36.73 -27.71
C SER A 252 -5.15 36.79 -26.81
N SER A 253 -4.96 37.88 -26.06
CA SER A 253 -3.77 38.01 -25.23
C SER A 253 -3.77 37.00 -24.08
N THR A 254 -4.92 36.45 -23.72
CA THR A 254 -4.96 35.43 -22.68
C THR A 254 -4.21 34.16 -23.08
N TYR A 255 -3.84 34.02 -24.36
CA TYR A 255 -3.08 32.87 -24.84
C TYR A 255 -1.67 33.27 -25.31
N GLY A 256 -1.23 34.48 -25.03
CA GLY A 256 0.07 34.94 -25.48
C GLY A 256 0.09 35.55 -26.85
N VAL A 257 -1.06 35.65 -27.53
CA VAL A 257 -1.16 36.24 -28.86
C VAL A 257 -1.55 37.71 -28.69
N PRO A 258 -0.64 38.65 -28.95
CA PRO A 258 -1.00 40.06 -28.75
C PRO A 258 -2.26 40.44 -29.52
N VAL A 259 -3.12 41.23 -28.87
CA VAL A 259 -4.30 41.76 -29.56
C VAL A 259 -3.87 42.58 -30.77
N ASN A 260 -2.74 43.26 -30.68
CA ASN A 260 -2.26 44.14 -31.75
C ASN A 260 -1.32 43.38 -32.70
N SER A 261 -1.82 42.26 -33.20
CA SER A 261 -1.13 41.38 -34.11
C SER A 261 -2.03 41.13 -35.31
N PRO A 262 -1.48 40.57 -36.40
CA PRO A 262 -2.36 40.18 -37.51
C PRO A 262 -3.33 39.08 -37.13
N ASN A 263 -2.94 38.19 -36.21
CA ASN A 263 -3.78 37.08 -35.79
C ASN A 263 -4.39 37.29 -34.41
N GLY A 264 -4.22 38.46 -33.81
CA GLY A 264 -4.85 38.77 -32.55
C GLY A 264 -6.28 39.23 -32.72
N TYR A 265 -6.94 39.47 -31.60
CA TYR A 265 -8.34 39.89 -31.63
C TYR A 265 -8.77 40.32 -30.24
N ARG A 266 -9.79 41.18 -30.22
CA ARG A 266 -10.51 41.50 -28.99
C ARG A 266 -11.92 41.92 -29.39
N THR A 267 -12.92 41.08 -29.10
CA THR A 267 -14.30 41.37 -29.46
C THR A 267 -15.23 40.83 -28.38
N ASP A 268 -16.36 41.50 -28.23
CA ASP A 268 -17.40 41.09 -27.29
C ASP A 268 -18.43 40.26 -28.05
N VAL A 269 -18.81 39.11 -27.48
CA VAL A 269 -19.71 38.18 -28.13
C VAL A 269 -20.76 37.72 -27.12
N ASP A 270 -21.88 37.25 -27.65
CA ASP A 270 -23.03 36.84 -26.86
C ASP A 270 -23.16 35.32 -26.86
N TRP A 271 -23.79 34.80 -25.80
CA TRP A 271 -24.18 33.40 -25.70
C TRP A 271 -23.04 32.47 -26.10
N ALA A 272 -21.94 32.59 -25.36
CA ALA A 272 -20.73 31.83 -25.61
C ALA A 272 -20.68 30.62 -24.70
N THR A 273 -20.48 29.45 -25.29
CA THR A 273 -20.32 28.19 -24.56
C THR A 273 -18.93 27.64 -24.83
N GLN A 274 -18.13 27.55 -23.77
CA GLN A 274 -16.77 27.03 -23.89
C GLN A 274 -16.78 25.53 -24.17
N ILE A 275 -15.91 25.09 -25.09
CA ILE A 275 -15.73 23.67 -25.34
C ILE A 275 -14.26 23.28 -25.43
N SER A 276 -13.33 24.23 -25.36
CA SER A 276 -11.91 23.89 -25.32
C SER A 276 -11.15 24.98 -24.56
N TYR A 277 -10.15 24.56 -23.78
CA TYR A 277 -9.30 25.53 -23.11
C TYR A 277 -8.56 26.41 -24.11
N SER A 278 -8.19 25.85 -25.27
CA SER A 278 -7.46 26.61 -26.27
C SER A 278 -8.29 27.73 -26.88
N GLY A 279 -9.56 27.84 -26.55
CA GLY A 279 -10.38 28.95 -26.93
C GLY A 279 -11.50 28.68 -27.91
N VAL A 280 -11.89 27.42 -28.10
CA VAL A 280 -12.99 27.10 -29.00
C VAL A 280 -14.31 27.28 -28.25
N PHE A 281 -15.18 28.14 -28.79
CA PHE A 281 -16.49 28.40 -28.23
C PHE A 281 -17.56 28.21 -29.30
N VAL A 282 -18.78 27.95 -28.83
CA VAL A 282 -19.99 28.11 -29.63
C VAL A 282 -20.62 29.44 -29.19
N HIS A 283 -20.64 30.42 -30.08
CA HIS A 283 -21.10 31.75 -29.71
C HIS A 283 -21.93 32.36 -30.84
N SER A 284 -22.57 33.49 -30.50
CA SER A 284 -23.35 34.24 -31.46
C SER A 284 -22.43 35.02 -32.39
N ALA A 285 -22.62 34.87 -33.70
CA ALA A 285 -21.81 35.53 -34.72
C ALA A 285 -22.72 36.17 -35.75
N PRO A 286 -23.30 37.33 -35.43
CA PRO A 286 -24.10 38.03 -36.44
C PRO A 286 -23.31 38.38 -37.69
N TRP A 287 -22.00 38.62 -37.56
CA TRP A 287 -21.18 39.05 -38.68
C TRP A 287 -20.91 37.93 -39.68
N SER A 288 -21.36 36.70 -39.43
CA SER A 288 -21.05 35.58 -40.31
C SER A 288 -22.27 34.72 -40.63
N VAL A 289 -23.49 35.25 -40.48
CA VAL A 289 -24.68 34.44 -40.77
C VAL A 289 -24.70 34.06 -42.24
N GLY A 290 -24.25 34.95 -43.13
CA GLY A 290 -24.18 34.62 -44.53
C GLY A 290 -23.17 33.54 -44.84
N ALA A 291 -22.16 33.39 -43.99
CA ALA A 291 -21.17 32.32 -44.14
C ALA A 291 -21.59 31.06 -43.41
N GLN A 292 -22.32 31.17 -42.31
CA GLN A 292 -22.74 30.02 -41.55
C GLN A 292 -23.51 29.05 -42.45
N GLY A 293 -23.07 27.79 -42.46
CA GLY A 293 -23.64 26.80 -43.35
C GLY A 293 -23.05 26.79 -44.75
N HIS A 294 -21.96 27.53 -44.98
CA HIS A 294 -21.40 27.64 -46.32
C HIS A 294 -19.88 27.57 -46.31
N THR A 295 -19.23 28.50 -45.61
CA THR A 295 -17.76 28.57 -45.59
C THR A 295 -17.28 28.96 -44.21
N ASN A 296 -16.05 28.54 -43.89
CA ASN A 296 -15.45 28.80 -42.58
C ASN A 296 -14.69 30.12 -42.60
N THR A 297 -14.76 30.86 -41.47
CA THR A 297 -14.17 32.19 -41.43
C THR A 297 -13.64 32.61 -40.06
N SER A 298 -13.52 31.71 -39.09
CA SER A 298 -13.17 32.07 -37.72
C SER A 298 -11.76 31.55 -37.37
N HIS A 299 -11.37 31.74 -36.11
CA HIS A 299 -10.10 31.23 -35.60
C HIS A 299 -10.26 29.89 -34.89
N GLY A 300 -11.39 29.21 -35.07
CA GLY A 300 -11.64 27.93 -34.41
C GLY A 300 -13.02 27.86 -33.80
N CYS A 301 -13.54 29.01 -33.39
CA CYS A 301 -14.83 29.07 -32.73
C CYS A 301 -15.95 28.67 -33.69
N LEU A 302 -16.90 27.90 -33.19
CA LEU A 302 -18.08 27.53 -33.97
C LEU A 302 -19.07 28.69 -33.98
N ASN A 303 -19.02 29.48 -35.05
CA ASN A 303 -19.93 30.61 -35.21
C ASN A 303 -21.33 30.12 -35.58
N VAL A 304 -22.35 30.63 -34.88
CA VAL A 304 -23.74 30.35 -35.20
C VAL A 304 -24.53 31.64 -35.04
N SER A 305 -25.80 31.59 -35.41
CA SER A 305 -26.66 32.75 -35.31
C SER A 305 -26.96 33.04 -33.84
N PRO A 306 -27.37 34.28 -33.53
CA PRO A 306 -27.75 34.59 -32.14
C PRO A 306 -28.83 33.69 -31.60
N SER A 307 -29.85 33.39 -32.40
CA SER A 307 -30.92 32.51 -31.94
C SER A 307 -30.39 31.14 -31.55
N ASN A 308 -29.57 30.55 -32.42
CA ASN A 308 -29.02 29.23 -32.13
C ASN A 308 -27.97 29.29 -31.02
N ALA A 309 -27.22 30.38 -30.95
CA ALA A 309 -26.24 30.52 -29.87
C ALA A 309 -26.93 30.52 -28.52
N GLN A 310 -27.97 31.34 -28.36
CA GLN A 310 -28.72 31.35 -27.11
C GLN A 310 -29.37 30.01 -26.84
N TRP A 311 -29.87 29.35 -27.89
CA TRP A 311 -30.45 28.02 -27.71
C TRP A 311 -29.42 27.06 -27.14
N PHE A 312 -28.22 27.04 -27.73
CA PHE A 312 -27.15 26.20 -27.21
C PHE A 312 -26.86 26.54 -25.75
N TYR A 313 -26.79 27.83 -25.43
CA TYR A 313 -26.57 28.25 -24.05
C TYR A 313 -27.66 27.72 -23.13
N ASP A 314 -28.90 27.68 -23.62
CA ASP A 314 -30.03 27.33 -22.77
C ASP A 314 -30.22 25.83 -22.62
N HIS A 315 -29.89 25.03 -23.64
CA HIS A 315 -30.21 23.61 -23.65
C HIS A 315 -29.01 22.70 -23.48
N VAL A 316 -27.80 23.24 -23.33
CA VAL A 316 -26.59 22.45 -23.16
C VAL A 316 -25.99 22.76 -21.80
N LYS A 317 -25.53 21.72 -21.11
CA LYS A 317 -24.99 21.83 -19.76
C LYS A 317 -23.55 21.33 -19.75
N ARG A 318 -22.84 21.71 -18.69
N ARG A 318 -22.84 21.71 -18.69
CA ARG A 318 -21.46 21.24 -18.50
CA ARG A 318 -21.46 21.24 -18.50
C ARG A 318 -21.42 19.71 -18.55
C ARG A 318 -21.42 19.72 -18.55
N GLY A 319 -20.47 19.19 -19.30
CA GLY A 319 -20.32 17.75 -19.46
C GLY A 319 -20.89 17.20 -20.76
N ASP A 320 -21.76 17.96 -21.43
CA ASP A 320 -22.25 17.54 -22.73
C ASP A 320 -21.10 17.52 -23.74
N ILE A 321 -21.34 16.93 -24.90
CA ILE A 321 -20.28 16.61 -25.85
C ILE A 321 -20.52 17.31 -27.17
N VAL A 322 -19.46 17.88 -27.73
CA VAL A 322 -19.43 18.39 -29.10
C VAL A 322 -18.36 17.62 -29.86
N GLU A 323 -18.73 17.13 -31.04
CA GLU A 323 -17.80 16.40 -31.90
C GLU A 323 -17.65 17.12 -33.23
N VAL A 324 -16.42 17.42 -33.59
CA VAL A 324 -16.09 18.00 -34.89
C VAL A 324 -15.45 16.92 -35.74
N VAL A 325 -15.81 16.87 -37.01
CA VAL A 325 -15.36 15.82 -37.92
C VAL A 325 -15.16 16.40 -39.31
N ASN A 326 -14.18 15.83 -40.03
CA ASN A 326 -13.96 16.13 -41.44
C ASN A 326 -13.45 17.54 -41.68
N THR A 327 -12.74 18.12 -40.71
CA THR A 327 -12.10 19.41 -40.91
C THR A 327 -10.69 19.23 -41.47
N VAL A 328 -10.14 20.30 -42.01
CA VAL A 328 -8.77 20.28 -42.50
C VAL A 328 -7.74 20.27 -41.39
N GLY A 329 -8.17 20.40 -40.13
CA GLY A 329 -7.27 20.38 -39.01
C GLY A 329 -7.03 18.98 -38.48
N GLY A 330 -6.13 18.90 -37.50
CA GLY A 330 -5.83 17.65 -36.84
C GLY A 330 -6.85 17.32 -35.77
N THR A 331 -6.41 16.55 -34.78
CA THR A 331 -7.25 16.16 -33.66
C THR A 331 -6.94 17.04 -32.46
N LEU A 332 -7.97 17.34 -31.68
CA LEU A 332 -7.79 18.15 -30.49
C LEU A 332 -6.88 17.45 -29.50
N PRO A 333 -5.90 18.14 -28.91
CA PRO A 333 -5.02 17.47 -27.94
C PRO A 333 -5.80 16.87 -26.78
N GLY A 334 -5.40 15.68 -26.38
CA GLY A 334 -6.04 15.01 -25.26
C GLY A 334 -5.88 15.73 -23.94
N ILE A 335 -4.83 16.53 -23.80
CA ILE A 335 -4.54 17.22 -22.55
C ILE A 335 -4.92 18.70 -22.63
N ASP A 336 -5.82 19.07 -23.55
CA ASP A 336 -6.23 20.45 -23.68
C ASP A 336 -6.87 20.96 -22.40
N GLY A 337 -7.61 20.10 -21.71
CA GLY A 337 -8.40 20.51 -20.56
C GLY A 337 -9.84 20.06 -20.72
N LEU A 338 -10.30 19.97 -21.97
CA LEU A 338 -11.61 19.44 -22.29
C LEU A 338 -11.55 18.37 -23.37
N GLY A 339 -10.36 17.91 -23.73
CA GLY A 339 -10.22 16.90 -24.76
C GLY A 339 -9.87 15.53 -24.22
N ASP A 340 -10.27 15.26 -22.97
CA ASP A 340 -9.90 14.02 -22.30
C ASP A 340 -10.24 12.81 -23.15
N TRP A 341 -11.36 12.84 -23.85
CA TRP A 341 -11.86 11.67 -24.56
C TRP A 341 -11.09 11.38 -25.84
N ASN A 342 -10.22 12.28 -26.30
CA ASN A 342 -9.42 12.01 -27.48
C ASN A 342 -8.20 11.14 -27.18
N ILE A 343 -7.87 10.92 -25.91
CA ILE A 343 -6.81 10.00 -25.53
C ILE A 343 -7.36 8.57 -25.64
N PRO A 344 -6.74 7.69 -26.41
CA PRO A 344 -7.27 6.33 -26.53
C PRO A 344 -7.30 5.61 -25.20
N TRP A 345 -8.35 4.83 -24.98
CA TRP A 345 -8.62 4.28 -23.66
C TRP A 345 -7.41 3.51 -23.11
N ASP A 346 -6.68 2.80 -23.96
CA ASP A 346 -5.58 1.99 -23.48
C ASP A 346 -4.45 2.87 -22.91
N GLN A 347 -4.25 4.06 -23.49
CA GLN A 347 -3.26 4.98 -22.95
C GLN A 347 -3.77 5.62 -21.66
N TRP A 348 -5.02 6.05 -21.65
CA TRP A 348 -5.60 6.62 -20.43
C TRP A 348 -5.58 5.61 -19.29
N ARG A 349 -6.05 4.39 -19.56
CA ARG A 349 -6.08 3.35 -18.53
C ARG A 349 -4.70 3.13 -17.94
N ALA A 350 -3.69 2.99 -18.80
CA ALA A 350 -2.33 2.79 -18.30
C ALA A 350 -1.85 3.94 -17.44
N GLY A 351 -2.48 5.11 -17.56
CA GLY A 351 -2.14 6.24 -16.72
C GLY A 351 -0.73 6.74 -16.97
N ASN A 352 -0.36 7.75 -16.20
CA ASN A 352 0.97 8.35 -16.25
C ASN A 352 1.41 8.78 -14.85
N ALA A 353 1.18 7.90 -13.87
CA ALA A 353 1.63 8.18 -12.50
C ALA A 353 3.15 8.24 -12.40
N LYS A 354 3.86 7.65 -13.37
CA LYS A 354 5.32 7.69 -13.39
C LYS A 354 5.91 6.95 -12.19
N LEU B 4 57.77 -7.09 41.43
CA LEU B 4 57.29 -8.11 40.51
C LEU B 4 55.92 -8.62 40.93
N LEU B 5 54.95 -8.54 40.02
CA LEU B 5 53.59 -8.95 40.30
C LEU B 5 53.38 -10.41 39.88
N VAL B 6 52.43 -11.06 40.53
CA VAL B 6 52.08 -12.45 40.23
C VAL B 6 50.90 -12.44 39.26
N PRO B 7 50.90 -13.28 38.22
CA PRO B 7 49.80 -13.24 37.25
C PRO B 7 48.48 -13.72 37.84
N LYS B 8 47.39 -13.19 37.29
CA LYS B 8 46.04 -13.54 37.69
C LYS B 8 45.29 -14.15 36.51
N LEU B 9 44.42 -15.12 36.81
CA LEU B 9 43.69 -15.85 35.78
C LEU B 9 42.19 -15.59 35.95
N THR B 10 41.57 -15.09 34.89
CA THR B 10 40.14 -14.84 34.84
C THR B 10 39.50 -15.72 33.79
N ALA B 11 38.21 -16.02 33.96
CA ALA B 11 37.47 -16.82 33.00
C ALA B 11 36.06 -16.28 32.84
N SER B 12 35.50 -16.49 31.65
CA SER B 12 34.10 -16.15 31.42
C SER B 12 33.15 -17.09 32.15
N VAL B 13 33.66 -18.18 32.72
CA VAL B 13 32.91 -19.05 33.61
C VAL B 13 33.63 -19.08 34.95
N THR B 14 32.95 -19.62 35.95
CA THR B 14 33.52 -19.74 37.29
C THR B 14 33.39 -21.18 37.76
N ASP B 15 34.37 -21.59 38.57
CA ASP B 15 34.44 -22.96 39.04
C ASP B 15 33.15 -23.36 39.77
N GLY B 16 32.70 -24.58 39.53
CA GLY B 16 31.48 -25.08 40.11
C GLY B 16 30.22 -24.66 39.41
N ALA B 17 30.32 -23.90 38.32
CA ALA B 17 29.14 -23.37 37.66
C ALA B 17 28.27 -24.49 37.10
N VAL B 18 26.95 -24.28 37.15
CA VAL B 18 25.98 -25.22 36.60
C VAL B 18 25.02 -24.41 35.73
N GLY B 19 24.44 -25.08 34.74
CA GLY B 19 23.54 -24.41 33.83
C GLY B 19 24.24 -23.46 32.88
N VAL B 20 25.54 -23.63 32.66
CA VAL B 20 26.26 -22.76 31.74
C VAL B 20 25.71 -22.94 30.34
N THR B 21 25.38 -21.82 29.70
CA THR B 21 24.78 -21.85 28.38
C THR B 21 25.86 -21.86 27.30
N VAL B 22 25.62 -22.64 26.25
CA VAL B 22 26.59 -22.83 25.19
C VAL B 22 26.33 -21.91 24.00
N ASP B 23 25.49 -20.89 24.18
CA ASP B 23 25.28 -19.89 23.13
C ASP B 23 26.50 -19.03 22.88
N ALA B 24 27.53 -19.12 23.72
CA ALA B 24 28.71 -18.29 23.59
C ALA B 24 29.94 -19.13 23.88
N PRO B 25 31.10 -18.69 23.40
CA PRO B 25 32.34 -19.40 23.72
C PRO B 25 32.80 -19.11 25.15
N VAL B 26 33.78 -19.88 25.59
CA VAL B 26 34.40 -19.74 26.90
C VAL B 26 35.81 -19.21 26.70
N SER B 27 36.19 -18.24 27.52
CA SER B 27 37.47 -17.57 27.38
C SER B 27 38.21 -17.56 28.71
N VAL B 28 39.53 -17.39 28.63
CA VAL B 28 40.40 -17.30 29.80
C VAL B 28 41.35 -16.13 29.56
N THR B 29 41.35 -15.18 30.47
CA THR B 29 42.16 -13.97 30.36
C THR B 29 43.19 -13.93 31.48
N ALA B 30 44.40 -13.48 31.15
CA ALA B 30 45.47 -13.32 32.11
C ALA B 30 45.77 -11.85 32.34
N ALA B 31 46.16 -11.54 33.57
CA ALA B 31 46.61 -10.20 33.94
C ALA B 31 47.97 -10.31 34.62
N ASP B 32 48.81 -9.30 34.42
CA ASP B 32 50.16 -9.28 35.00
C ASP B 32 50.93 -10.53 34.61
N GLY B 33 50.95 -10.82 33.33
CA GLY B 33 51.59 -12.01 32.82
C GLY B 33 50.85 -12.48 31.57
N VAL B 34 51.39 -13.56 30.99
CA VAL B 34 50.84 -14.13 29.78
C VAL B 34 50.45 -15.57 30.06
N LEU B 35 49.51 -16.07 29.26
CA LEU B 35 49.08 -17.46 29.36
C LEU B 35 50.11 -18.37 28.71
N ALA B 36 50.54 -19.40 29.44
CA ALA B 36 51.47 -20.38 28.91
C ALA B 36 50.75 -21.50 28.17
N ALA B 37 49.68 -22.01 28.76
CA ALA B 37 48.90 -23.07 28.13
C ALA B 37 47.51 -23.09 28.74
N VAL B 38 46.51 -23.34 27.91
CA VAL B 38 45.13 -23.49 28.33
C VAL B 38 44.58 -24.75 27.68
N THR B 39 44.02 -25.64 28.50
CA THR B 39 43.39 -26.85 28.00
C THR B 39 42.01 -26.97 28.60
N MET B 40 41.07 -27.50 27.82
N MET B 40 41.07 -27.43 27.80
CA MET B 40 39.69 -27.70 28.26
CA MET B 40 39.70 -27.72 28.24
C MET B 40 39.20 -29.02 27.68
C MET B 40 39.31 -29.07 27.69
N VAL B 41 38.86 -29.97 28.57
CA VAL B 41 38.41 -31.29 28.18
C VAL B 41 37.02 -31.53 28.74
N ASN B 42 36.30 -32.44 28.11
CA ASN B 42 34.96 -32.80 28.55
C ASN B 42 35.03 -34.04 29.44
N ASP B 43 33.86 -34.51 29.86
CA ASP B 43 33.80 -35.66 30.76
C ASP B 43 34.39 -36.92 30.14
N ASN B 44 34.52 -36.97 28.82
CA ASN B 44 35.12 -38.12 28.14
C ASN B 44 36.58 -37.91 27.82
N GLY B 45 37.18 -36.82 28.30
CA GLY B 45 38.60 -36.59 28.13
C GLY B 45 39.02 -36.03 26.78
N ARG B 46 38.09 -35.87 25.84
CA ARG B 46 38.46 -35.31 24.55
C ARG B 46 38.64 -33.80 24.68
N PRO B 47 39.69 -33.22 24.12
CA PRO B 47 39.94 -31.79 24.28
C PRO B 47 39.04 -30.95 23.39
N VAL B 48 38.79 -29.73 23.85
CA VAL B 48 38.00 -28.75 23.12
C VAL B 48 38.95 -27.85 22.34
N ALA B 49 38.64 -27.63 21.07
CA ALA B 49 39.49 -26.76 20.25
C ALA B 49 39.50 -25.35 20.81
N GLY B 50 40.69 -24.75 20.85
CA GLY B 50 40.86 -23.41 21.35
C GLY B 50 42.04 -22.73 20.70
N ARG B 51 42.06 -21.40 20.81
CA ARG B 51 43.11 -20.60 20.20
C ARG B 51 43.54 -19.51 21.17
N LEU B 52 44.85 -19.35 21.32
CA LEU B 52 45.44 -18.31 22.15
C LEU B 52 45.78 -17.10 21.29
N SER B 53 45.44 -15.91 21.79
CA SER B 53 45.69 -14.69 21.04
C SER B 53 47.20 -14.47 20.87
N PRO B 54 47.60 -13.74 19.82
CA PRO B 54 49.04 -13.52 19.59
C PRO B 54 49.77 -12.96 20.80
N ASP B 55 49.15 -12.04 21.54
CA ASP B 55 49.81 -11.41 22.67
C ASP B 55 49.80 -12.30 23.92
N GLY B 56 49.25 -13.50 23.84
CA GLY B 56 49.27 -14.42 24.96
C GLY B 56 48.37 -14.06 26.11
N LEU B 57 47.50 -13.06 25.96
CA LEU B 57 46.65 -12.60 27.05
C LEU B 57 45.26 -13.22 27.03
N ARG B 58 44.74 -13.63 25.88
CA ARG B 58 43.37 -14.09 25.75
C ARG B 58 43.33 -15.43 25.04
N TRP B 59 42.68 -16.41 25.67
CA TRP B 59 42.40 -17.70 25.07
C TRP B 59 40.89 -17.89 24.99
N SER B 60 40.44 -18.64 23.99
CA SER B 60 39.02 -18.80 23.77
C SER B 60 38.75 -20.09 23.01
N THR B 61 37.69 -20.79 23.39
CA THR B 61 37.26 -21.95 22.63
C THR B 61 36.91 -21.55 21.20
N THR B 62 37.31 -22.40 20.25
CA THR B 62 37.08 -22.14 18.83
C THR B 62 36.04 -23.05 18.22
N GLU B 63 35.45 -23.96 19.00
CA GLU B 63 34.38 -24.82 18.49
C GLU B 63 33.20 -24.75 19.44
N GLN B 64 32.04 -25.12 18.91
CA GLN B 64 30.79 -25.05 19.66
C GLN B 64 30.78 -26.08 20.79
N LEU B 65 30.36 -25.65 21.97
CA LEU B 65 30.25 -26.53 23.13
C LEU B 65 28.90 -27.26 23.10
N GLY B 66 28.84 -28.38 23.80
CA GLY B 66 27.71 -29.29 23.73
C GLY B 66 26.87 -29.27 24.99
N TYR B 67 25.58 -29.56 24.81
CA TYR B 67 24.67 -29.66 25.95
C TYR B 67 25.06 -30.82 26.86
N ASN B 68 24.64 -30.72 28.13
CA ASN B 68 24.72 -31.83 29.07
C ASN B 68 26.14 -32.33 29.21
N ARG B 69 27.05 -31.40 29.53
CA ARG B 69 28.47 -31.68 29.58
C ARG B 69 29.10 -31.11 30.85
N ARG B 70 30.17 -31.76 31.28
CA ARG B 70 31.00 -31.29 32.39
C ARG B 70 32.40 -31.04 31.81
N TYR B 71 32.81 -29.78 31.79
CA TYR B 71 34.08 -29.38 31.21
C TYR B 71 35.08 -29.01 32.31
N THR B 72 36.32 -29.48 32.15
CA THR B 72 37.40 -29.20 33.09
C THR B 72 38.47 -28.38 32.38
N LEU B 73 38.73 -27.17 32.89
CA LEU B 73 39.65 -26.23 32.28
C LEU B 73 40.90 -26.12 33.13
N ASN B 74 42.06 -26.22 32.50
CA ASN B 74 43.35 -26.05 33.14
C ASN B 74 44.12 -24.95 32.42
N ALA B 75 44.70 -24.04 33.18
CA ALA B 75 45.42 -22.91 32.61
C ALA B 75 46.63 -22.57 33.46
N THR B 76 47.72 -22.18 32.79
CA THR B 76 48.96 -21.80 33.44
C THR B 76 49.43 -20.47 32.86
N ALA B 77 49.84 -19.56 33.75
CA ALA B 77 50.31 -18.25 33.36
C ALA B 77 51.73 -18.02 33.89
N LEU B 78 52.44 -17.09 33.26
CA LEU B 78 53.81 -16.78 33.62
C LEU B 78 54.01 -15.26 33.59
N GLY B 79 54.62 -14.73 34.65
CA GLY B 79 54.92 -13.32 34.72
C GLY B 79 56.24 -13.08 35.41
N LEU B 80 56.69 -11.83 35.36
CA LEU B 80 57.97 -11.46 35.97
C LEU B 80 58.03 -11.92 37.42
N GLY B 81 56.90 -11.95 38.11
CA GLY B 81 56.88 -12.37 39.50
C GLY B 81 56.31 -13.75 39.71
N GLY B 82 56.88 -14.74 39.03
CA GLY B 82 56.46 -16.12 39.22
C GLY B 82 55.38 -16.56 38.26
N ALA B 83 54.79 -17.71 38.58
CA ALA B 83 53.81 -18.37 37.77
C ALA B 83 52.49 -18.50 38.53
N ALA B 84 51.44 -18.85 37.79
CA ALA B 84 50.12 -19.08 38.38
C ALA B 84 49.40 -20.15 37.57
N THR B 85 48.57 -20.93 38.26
CA THR B 85 47.83 -22.02 37.64
C THR B 85 46.44 -22.09 38.25
N ARG B 86 45.50 -22.64 37.50
CA ARG B 86 44.13 -22.75 37.98
C ARG B 86 43.42 -23.89 37.25
N GLN B 87 42.52 -24.54 37.97
CA GLN B 87 41.67 -25.60 37.42
C GLN B 87 40.22 -25.28 37.75
N LEU B 88 39.39 -25.20 36.71
CA LEU B 88 37.96 -24.97 36.87
C LEU B 88 37.18 -26.14 36.29
N THR B 89 35.98 -26.35 36.82
CA THR B 89 35.05 -27.33 36.28
C THR B 89 33.66 -26.72 36.29
N PHE B 90 32.96 -26.83 35.17
CA PHE B 90 31.60 -26.31 35.06
C PHE B 90 30.76 -27.26 34.23
N GLN B 91 29.44 -27.12 34.37
CA GLN B 91 28.47 -28.01 33.76
C GLN B 91 27.51 -27.20 32.90
N THR B 92 27.27 -27.66 31.68
CA THR B 92 26.47 -26.90 30.72
C THR B 92 24.99 -27.30 30.82
N SER B 93 24.16 -26.54 30.11
CA SER B 93 22.73 -26.79 30.11
C SER B 93 22.43 -28.24 29.78
N SER B 94 21.41 -28.78 30.43
CA SER B 94 20.85 -30.10 30.11
C SER B 94 19.40 -29.88 29.70
N PRO B 95 19.13 -29.66 28.42
CA PRO B 95 17.75 -29.42 27.99
C PRO B 95 16.84 -30.58 28.35
N ALA B 96 15.60 -30.25 28.69
CA ALA B 96 14.55 -31.27 28.77
C ALA B 96 14.01 -31.59 27.38
N HIS B 97 14.11 -30.66 26.44
N HIS B 97 14.08 -30.64 26.45
CA HIS B 97 13.63 -30.89 25.09
CA HIS B 97 13.59 -30.83 25.09
C HIS B 97 14.41 -29.99 24.14
C HIS B 97 14.45 -29.99 24.15
N LEU B 98 14.41 -30.36 22.87
CA LEU B 98 15.06 -29.59 21.82
C LEU B 98 14.03 -29.19 20.77
N THR B 99 14.32 -28.11 20.06
CA THR B 99 13.48 -27.61 18.99
C THR B 99 14.34 -27.08 17.86
N MET B 100 13.94 -27.38 16.63
CA MET B 100 14.71 -26.97 15.45
C MET B 100 14.01 -25.80 14.76
N PRO B 101 14.71 -24.72 14.43
CA PRO B 101 14.08 -23.63 13.69
C PRO B 101 14.22 -23.79 12.18
N TYR B 102 13.23 -23.25 11.48
CA TYR B 102 13.21 -23.25 10.02
C TYR B 102 12.84 -21.85 9.55
N VAL B 103 13.57 -21.34 8.56
CA VAL B 103 13.48 -19.95 8.16
C VAL B 103 13.12 -19.87 6.68
N MET B 104 12.16 -19.00 6.35
N MET B 104 12.16 -19.01 6.35
CA MET B 104 11.83 -18.69 4.97
CA MET B 104 11.79 -18.69 4.98
C MET B 104 11.81 -17.19 4.80
C MET B 104 11.84 -17.17 4.81
N PRO B 105 12.11 -16.68 3.60
CA PRO B 105 12.43 -17.44 2.37
C PRO B 105 13.80 -18.11 2.42
N GLY B 106 14.17 -18.79 1.33
CA GLY B 106 15.41 -19.52 1.31
C GLY B 106 16.63 -18.62 1.12
N ASP B 107 17.78 -19.18 1.43
CA ASP B 107 19.04 -18.43 1.33
C ASP B 107 19.33 -18.09 -0.13
N GLY B 108 19.60 -16.82 -0.40
CA GLY B 108 19.91 -16.36 -1.74
C GLY B 108 18.71 -16.12 -2.62
N GLU B 109 17.50 -16.34 -2.13
CA GLU B 109 16.30 -16.18 -2.96
C GLU B 109 15.95 -14.70 -3.12
N VAL B 110 15.21 -14.41 -4.19
CA VAL B 110 14.74 -13.06 -4.47
C VAL B 110 13.23 -13.06 -4.34
N VAL B 111 12.70 -12.11 -3.55
CA VAL B 111 11.30 -12.12 -3.14
C VAL B 111 10.71 -10.74 -3.35
N GLY B 112 9.38 -10.71 -3.44
CA GLY B 112 8.66 -9.47 -3.64
C GLY B 112 8.67 -8.59 -2.41
N VAL B 113 7.93 -7.48 -2.51
CA VAL B 113 7.94 -6.47 -1.46
C VAL B 113 7.01 -6.79 -0.30
N GLY B 114 6.21 -7.84 -0.41
CA GLY B 114 5.33 -8.25 0.66
C GLY B 114 5.82 -9.43 1.48
N GLU B 115 7.05 -9.89 1.24
CA GLU B 115 7.53 -11.12 1.87
C GLU B 115 7.99 -10.83 3.30
N PRO B 116 7.40 -11.44 4.32
CA PRO B 116 7.92 -11.31 5.68
C PRO B 116 9.03 -12.33 5.95
N VAL B 117 9.76 -12.08 7.04
CA VAL B 117 10.70 -13.05 7.57
C VAL B 117 9.92 -13.99 8.48
N ALA B 118 10.13 -15.29 8.30
CA ALA B 118 9.39 -16.30 9.06
C ALA B 118 10.38 -17.25 9.74
N ILE B 119 10.15 -17.50 11.03
CA ILE B 119 10.89 -18.51 11.78
C ILE B 119 9.86 -19.47 12.38
N ARG B 120 9.94 -20.74 12.01
CA ARG B 120 9.02 -21.76 12.49
C ARG B 120 9.81 -22.81 13.26
N PHE B 121 9.40 -23.05 14.51
CA PHE B 121 9.96 -24.12 15.32
C PHE B 121 9.07 -25.36 15.24
N ASP B 122 9.69 -26.53 15.38
CA ASP B 122 8.95 -27.78 15.37
C ASP B 122 8.37 -28.14 16.73
N GLU B 123 8.38 -27.20 17.67
CA GLU B 123 7.79 -27.44 18.99
C GLU B 123 7.19 -26.13 19.48
N ASN B 124 6.24 -26.24 20.40
CA ASN B 124 5.65 -25.05 21.00
C ASN B 124 6.68 -24.30 21.81
N ILE B 125 6.68 -22.97 21.67
CA ILE B 125 7.65 -22.10 22.33
C ILE B 125 6.97 -21.47 23.54
N ALA B 126 7.49 -21.76 24.73
CA ALA B 126 6.91 -21.25 25.96
C ALA B 126 7.39 -19.85 26.31
N ASP B 127 8.58 -19.49 25.87
CA ASP B 127 9.18 -18.18 26.15
C ASP B 127 9.39 -17.47 24.80
N ARG B 128 8.31 -16.88 24.28
CA ARG B 128 8.39 -16.20 23.00
C ARG B 128 9.39 -15.04 23.04
N GLY B 129 9.53 -14.39 24.19
CA GLY B 129 10.49 -13.30 24.29
C GLY B 129 11.92 -13.76 24.08
N ALA B 130 12.26 -14.94 24.62
CA ALA B 130 13.62 -15.46 24.42
C ALA B 130 13.88 -15.79 22.96
N ALA B 131 12.86 -16.26 22.25
CA ALA B 131 13.02 -16.58 20.84
C ALA B 131 13.27 -15.33 20.02
N GLU B 132 12.47 -14.27 20.26
CA GLU B 132 12.66 -13.03 19.53
C GLU B 132 14.05 -12.45 19.77
N LYS B 133 14.48 -12.42 21.04
CA LYS B 133 15.78 -11.85 21.37
C LYS B 133 16.91 -12.59 20.69
N ALA B 134 16.72 -13.88 20.41
CA ALA B 134 17.76 -14.71 19.80
C ALA B 134 17.78 -14.62 18.28
N ILE B 135 16.93 -13.79 17.68
CA ILE B 135 16.80 -13.67 16.24
C ILE B 135 17.27 -12.28 15.84
N LYS B 136 18.38 -12.20 15.12
CA LYS B 136 18.99 -10.94 14.72
C LYS B 136 18.72 -10.71 13.23
N ILE B 137 18.06 -9.61 12.92
CA ILE B 137 17.67 -9.28 11.55
C ILE B 137 18.34 -7.97 11.17
N THR B 138 19.15 -8.01 10.10
CA THR B 138 19.80 -6.84 9.55
C THR B 138 19.15 -6.48 8.22
N THR B 139 19.11 -5.18 7.92
CA THR B 139 18.50 -4.71 6.68
C THR B 139 19.29 -3.54 6.14
N ASN B 140 19.48 -3.53 4.81
CA ASN B 140 20.14 -2.45 4.11
C ASN B 140 19.41 -2.15 2.82
N PRO B 141 18.74 -1.00 2.69
CA PRO B 141 18.63 0.09 3.68
C PRO B 141 17.91 -0.34 4.96
N PRO B 142 18.39 0.11 6.12
CA PRO B 142 17.73 -0.29 7.38
C PRO B 142 16.32 0.27 7.46
N VAL B 143 15.42 -0.54 8.01
CA VAL B 143 14.02 -0.18 8.17
C VAL B 143 13.48 -0.91 9.39
N GLU B 144 12.54 -0.29 10.08
CA GLU B 144 12.02 -0.84 11.32
C GLU B 144 11.06 -1.99 11.05
N GLY B 145 11.17 -3.04 11.86
CA GLY B 145 10.22 -4.14 11.83
C GLY B 145 10.09 -4.73 13.22
N ALA B 146 9.08 -5.57 13.40
CA ALA B 146 8.77 -6.16 14.69
C ALA B 146 8.31 -7.60 14.51
N PHE B 147 8.23 -8.31 15.63
CA PHE B 147 7.82 -9.70 15.65
C PHE B 147 6.32 -9.82 15.95
N TYR B 148 5.72 -10.89 15.45
CA TYR B 148 4.34 -11.22 15.75
C TYR B 148 4.15 -12.71 15.50
N TRP B 149 3.47 -13.38 16.41
CA TRP B 149 3.33 -14.84 16.38
C TRP B 149 1.98 -15.22 15.78
N LEU B 150 2.01 -15.97 14.69
CA LEU B 150 0.77 -16.48 14.09
C LEU B 150 0.20 -17.64 14.89
N ASN B 151 1.05 -18.43 15.55
CA ASN B 151 0.62 -19.54 16.38
C ASN B 151 1.72 -19.80 17.41
N ASN B 152 1.62 -20.94 18.10
CA ASN B 152 2.57 -21.26 19.16
C ASN B 152 3.94 -21.68 18.63
N ARG B 153 4.11 -21.85 17.32
CA ARG B 153 5.33 -22.41 16.76
C ARG B 153 6.01 -21.56 15.70
N GLU B 154 5.36 -20.52 15.19
CA GLU B 154 5.91 -19.73 14.09
C GLU B 154 5.74 -18.25 14.36
N VAL B 155 6.82 -17.50 14.20
CA VAL B 155 6.82 -16.05 14.40
C VAL B 155 7.24 -15.37 13.11
N ARG B 156 6.67 -14.20 12.86
CA ARG B 156 6.91 -13.44 11.64
C ARG B 156 7.53 -12.09 11.98
N TRP B 157 8.28 -11.54 11.02
CA TRP B 157 8.96 -10.25 11.20
C TRP B 157 8.87 -9.48 9.89
N ARG B 158 8.30 -8.28 9.93
CA ARG B 158 8.14 -7.45 8.74
C ARG B 158 8.15 -6.00 9.15
N PRO B 159 8.35 -5.08 8.18
CA PRO B 159 8.26 -3.65 8.51
C PRO B 159 6.82 -3.16 8.54
N GLU B 160 6.63 -1.84 8.66
CA GLU B 160 5.29 -1.27 8.64
C GLU B 160 4.73 -1.21 7.22
N HIS B 161 5.54 -0.82 6.26
CA HIS B 161 5.14 -0.75 4.86
C HIS B 161 5.90 -1.77 4.04
N PHE B 162 5.43 -1.98 2.81
CA PHE B 162 6.07 -2.93 1.91
C PHE B 162 7.55 -2.59 1.76
N TRP B 163 8.37 -3.63 1.61
CA TRP B 163 9.79 -3.45 1.39
C TRP B 163 10.03 -2.50 0.22
N LYS B 164 11.14 -1.77 0.28
CA LYS B 164 11.60 -0.98 -0.84
C LYS B 164 12.48 -1.86 -1.74
N PRO B 165 12.15 -2.01 -3.02
CA PRO B 165 12.96 -2.89 -3.88
C PRO B 165 14.45 -2.57 -3.78
N GLY B 166 15.26 -3.62 -3.79
CA GLY B 166 16.70 -3.48 -3.67
C GLY B 166 17.22 -3.63 -2.26
N THR B 167 16.38 -4.02 -1.31
CA THR B 167 16.78 -4.14 0.08
C THR B 167 17.37 -5.51 0.36
N ALA B 168 18.43 -5.53 1.15
CA ALA B 168 19.04 -6.76 1.62
C ALA B 168 18.52 -7.07 3.02
N VAL B 169 18.25 -8.35 3.27
CA VAL B 169 17.71 -8.81 4.55
C VAL B 169 18.56 -9.98 5.02
N ASP B 170 19.20 -9.83 6.17
CA ASP B 170 20.01 -10.88 6.77
C ASP B 170 19.33 -11.37 8.04
N VAL B 171 19.14 -12.68 8.13
CA VAL B 171 18.41 -13.30 9.24
C VAL B 171 19.34 -14.30 9.92
N ALA B 172 19.63 -14.06 11.21
CA ALA B 172 20.48 -14.92 12.02
C ALA B 172 19.65 -15.43 13.20
N VAL B 173 19.32 -16.71 13.18
CA VAL B 173 18.56 -17.36 14.25
C VAL B 173 19.58 -18.05 15.14
N ASN B 174 19.90 -17.42 16.27
CA ASN B 174 20.96 -17.90 17.17
C ASN B 174 20.35 -18.56 18.40
N THR B 175 19.61 -19.64 18.18
CA THR B 175 18.87 -20.29 19.23
C THR B 175 19.64 -21.42 19.90
N TYR B 176 20.75 -21.88 19.32
CA TYR B 176 21.54 -22.91 19.97
C TYR B 176 22.02 -22.40 21.33
N GLY B 177 21.78 -23.18 22.37
CA GLY B 177 22.17 -22.81 23.71
C GLY B 177 21.26 -21.83 24.40
N VAL B 178 20.13 -21.48 23.78
CA VAL B 178 19.19 -20.51 24.36
C VAL B 178 18.05 -21.28 25.01
N ASP B 179 17.68 -20.85 26.21
CA ASP B 179 16.57 -21.45 26.96
C ASP B 179 15.28 -20.83 26.46
N LEU B 180 14.52 -21.57 25.65
CA LEU B 180 13.27 -21.09 25.09
C LEU B 180 12.07 -21.41 25.97
N GLY B 181 12.30 -21.72 27.25
CA GLY B 181 11.22 -21.90 28.19
C GLY B 181 10.90 -23.35 28.50
N GLU B 182 10.61 -23.63 29.76
CA GLU B 182 10.24 -24.97 30.21
C GLU B 182 11.30 -26.00 29.81
N GLY B 183 12.57 -25.58 29.81
CA GLY B 183 13.65 -26.50 29.52
C GLY B 183 13.79 -26.87 28.07
N MET B 184 13.25 -26.07 27.15
CA MET B 184 13.36 -26.31 25.72
C MET B 184 14.47 -25.42 25.16
N PHE B 185 15.50 -26.04 24.59
CA PHE B 185 16.66 -25.34 24.09
C PHE B 185 16.78 -25.54 22.59
N GLY B 186 17.34 -24.54 21.92
CA GLY B 186 17.50 -24.63 20.47
C GLY B 186 18.43 -25.76 20.09
N GLU B 187 18.05 -26.51 19.07
CA GLU B 187 18.87 -27.61 18.59
C GLU B 187 20.05 -27.13 17.76
N ASP B 188 19.91 -25.99 17.08
CA ASP B 188 20.94 -25.50 16.18
C ASP B 188 20.62 -24.05 15.85
N ASN B 189 21.54 -23.42 15.13
CA ASN B 189 21.36 -22.06 14.61
C ASN B 189 21.04 -22.12 13.12
N VAL B 190 20.48 -21.02 12.62
CA VAL B 190 20.10 -20.90 11.22
C VAL B 190 20.51 -19.53 10.72
N GLN B 191 21.00 -19.47 9.47
CA GLN B 191 21.46 -18.24 8.85
C GLN B 191 20.88 -18.17 7.45
N THR B 192 20.18 -17.07 7.14
CA THR B 192 19.53 -16.90 5.86
C THR B 192 19.70 -15.47 5.37
N HIS B 193 19.70 -15.32 4.05
CA HIS B 193 19.87 -14.01 3.42
C HIS B 193 19.08 -14.00 2.13
N PHE B 194 18.42 -12.88 1.86
CA PHE B 194 17.61 -12.74 0.64
C PHE B 194 17.48 -11.25 0.31
N THR B 195 17.02 -10.98 -0.91
CA THR B 195 16.94 -9.63 -1.42
C THR B 195 15.53 -9.36 -1.94
N ILE B 196 15.14 -8.09 -1.89
CA ILE B 196 13.81 -7.66 -2.34
C ILE B 196 13.89 -7.24 -3.80
N GLY B 197 12.98 -7.77 -4.62
CA GLY B 197 12.94 -7.47 -6.03
C GLY B 197 11.89 -6.43 -6.37
N ASP B 198 11.48 -6.44 -7.64
CA ASP B 198 10.54 -5.43 -8.13
C ASP B 198 9.28 -5.39 -7.28
N GLU B 199 8.65 -4.22 -7.26
CA GLU B 199 7.33 -4.06 -6.63
C GLU B 199 6.27 -4.61 -7.59
N VAL B 200 5.58 -5.66 -7.17
CA VAL B 200 4.54 -6.30 -7.97
C VAL B 200 3.31 -6.40 -7.10
N ILE B 201 2.27 -5.66 -7.47
CA ILE B 201 1.01 -5.62 -6.72
C ILE B 201 -0.13 -5.79 -7.71
N ALA B 202 -0.92 -6.84 -7.53
CA ALA B 202 -2.07 -7.14 -8.37
C ALA B 202 -3.34 -6.89 -7.58
N THR B 203 -4.19 -6.00 -8.10
CA THR B 203 -5.43 -5.62 -7.41
C THR B 203 -6.62 -6.30 -8.07
N ALA B 204 -7.41 -7.00 -7.27
CA ALA B 204 -8.66 -7.61 -7.71
C ALA B 204 -9.82 -6.77 -7.20
N ASP B 205 -10.62 -6.23 -8.12
CA ASP B 205 -11.74 -5.36 -7.79
C ASP B 205 -13.04 -6.09 -8.13
N ASP B 206 -13.91 -6.22 -7.13
CA ASP B 206 -15.18 -6.91 -7.34
C ASP B 206 -16.20 -6.06 -8.07
N ASN B 207 -16.02 -4.74 -8.11
CA ASN B 207 -16.92 -3.89 -8.88
C ASN B 207 -16.68 -4.06 -10.37
N THR B 208 -15.42 -4.22 -10.78
CA THR B 208 -15.07 -4.47 -12.17
C THR B 208 -14.78 -5.95 -12.45
N LYS B 209 -14.47 -6.73 -11.41
CA LYS B 209 -14.08 -8.12 -11.59
C LYS B 209 -12.87 -8.24 -12.50
N ILE B 210 -11.96 -7.29 -12.38
CA ILE B 210 -10.71 -7.26 -13.14
C ILE B 210 -9.55 -7.36 -12.16
N LEU B 211 -8.57 -8.20 -12.49
CA LEU B 211 -7.36 -8.36 -11.69
C LEU B 211 -6.20 -7.69 -12.44
N THR B 212 -5.83 -6.50 -12.00
CA THR B 212 -4.82 -5.68 -12.67
C THR B 212 -3.47 -5.87 -12.00
N VAL B 213 -2.47 -6.26 -12.79
CA VAL B 213 -1.12 -6.49 -12.30
C VAL B 213 -0.28 -5.26 -12.61
N ARG B 214 0.36 -4.70 -11.57
N ARG B 214 0.36 -4.70 -11.57
CA ARG B 214 1.20 -3.53 -11.70
CA ARG B 214 1.20 -3.53 -11.70
C ARG B 214 2.62 -3.87 -11.28
C ARG B 214 2.62 -3.89 -11.28
N VAL B 215 3.59 -3.48 -12.09
CA VAL B 215 5.01 -3.74 -11.84
C VAL B 215 5.69 -2.38 -11.74
N ASN B 216 6.20 -2.05 -10.55
CA ASN B 216 6.86 -0.78 -10.31
C ASN B 216 5.96 0.40 -10.68
N GLY B 217 4.64 0.23 -10.46
CA GLY B 217 3.68 1.27 -10.72
C GLY B 217 3.05 1.25 -12.10
N GLU B 218 3.54 0.42 -13.01
CA GLU B 218 3.06 0.38 -14.39
C GLU B 218 2.12 -0.81 -14.57
N VAL B 219 0.97 -0.56 -15.18
CA VAL B 219 0.03 -1.64 -15.50
C VAL B 219 0.63 -2.48 -16.62
N VAL B 220 0.82 -3.77 -16.35
CA VAL B 220 1.41 -4.69 -17.31
C VAL B 220 0.46 -5.79 -17.73
N LYS B 221 -0.68 -5.95 -17.07
CA LYS B 221 -1.66 -6.95 -17.48
C LYS B 221 -2.97 -6.68 -16.76
N SER B 222 -4.07 -6.97 -17.47
CA SER B 222 -5.42 -6.85 -16.91
C SER B 222 -6.14 -8.15 -17.21
N MET B 223 -6.52 -8.88 -16.16
CA MET B 223 -7.07 -10.21 -16.31
C MET B 223 -8.54 -10.22 -15.92
N PRO B 224 -9.46 -10.54 -16.83
CA PRO B 224 -10.83 -10.84 -16.40
C PRO B 224 -10.82 -12.03 -15.46
N THR B 225 -11.54 -11.90 -14.34
CA THR B 225 -11.52 -12.93 -13.32
C THR B 225 -12.93 -13.16 -12.77
N SER B 226 -13.08 -14.33 -12.15
CA SER B 226 -14.30 -14.70 -11.42
C SER B 226 -13.88 -15.17 -10.04
N MET B 227 -14.33 -14.49 -9.00
CA MET B 227 -13.92 -14.77 -7.64
C MET B 227 -15.00 -15.59 -6.93
N GLY B 228 -14.89 -15.69 -5.60
CA GLY B 228 -15.78 -16.54 -4.86
C GLY B 228 -17.22 -16.08 -4.98
N LYS B 229 -18.12 -17.04 -5.21
CA LYS B 229 -19.54 -16.76 -5.28
C LYS B 229 -20.05 -16.25 -3.93
N ASP B 230 -21.29 -15.77 -3.93
CA ASP B 230 -21.87 -15.21 -2.72
C ASP B 230 -21.83 -16.19 -1.57
N SER B 231 -22.18 -17.46 -1.82
CA SER B 231 -22.23 -18.45 -0.74
C SER B 231 -20.85 -18.68 -0.14
N THR B 232 -19.83 -18.82 -0.98
CA THR B 232 -18.45 -19.05 -0.55
C THR B 232 -17.58 -17.95 -1.16
N PRO B 233 -17.62 -16.75 -0.61
CA PRO B 233 -16.97 -15.60 -1.27
C PRO B 233 -15.47 -15.57 -1.03
N THR B 234 -14.82 -14.68 -1.77
CA THR B 234 -13.41 -14.37 -1.57
C THR B 234 -13.30 -13.20 -0.61
N ALA B 235 -12.48 -13.37 0.42
CA ALA B 235 -12.34 -12.33 1.43
C ALA B 235 -11.52 -11.16 0.90
N ASN B 236 -11.91 -9.96 1.28
CA ASN B 236 -11.08 -8.79 1.02
C ASN B 236 -9.81 -8.85 1.85
N GLY B 237 -8.82 -8.05 1.45
CA GLY B 237 -7.60 -7.90 2.21
C GLY B 237 -6.38 -8.03 1.34
N ILE B 238 -5.22 -8.07 2.00
CA ILE B 238 -3.93 -8.14 1.32
C ILE B 238 -3.43 -9.58 1.43
N TYR B 239 -3.17 -10.19 0.27
CA TYR B 239 -2.65 -11.54 0.20
C TYR B 239 -1.19 -11.52 -0.23
N ILE B 240 -0.39 -12.40 0.37
CA ILE B 240 1.01 -12.56 -0.01
C ILE B 240 1.12 -13.76 -0.94
N VAL B 241 1.93 -13.61 -1.99
CA VAL B 241 2.12 -14.69 -2.95
C VAL B 241 3.01 -15.77 -2.33
N GLY B 242 2.50 -17.00 -2.32
CA GLY B 242 3.25 -18.13 -1.78
C GLY B 242 3.90 -18.97 -2.85
N SER B 243 3.47 -20.23 -2.96
CA SER B 243 4.09 -21.17 -3.87
C SER B 243 3.47 -21.11 -5.26
N ARG B 244 4.17 -21.70 -6.22
CA ARG B 244 3.75 -21.75 -7.62
C ARG B 244 3.70 -23.20 -8.08
N TYR B 245 2.67 -23.54 -8.84
CA TYR B 245 2.44 -24.92 -9.28
C TYR B 245 2.03 -24.93 -10.74
N LYS B 246 2.80 -25.64 -11.57
CA LYS B 246 2.37 -25.87 -12.94
C LYS B 246 1.04 -26.62 -12.98
N HIS B 247 0.90 -27.63 -12.13
CA HIS B 247 -0.37 -28.32 -11.96
C HIS B 247 -0.42 -28.88 -10.54
N ILE B 248 -1.62 -28.97 -9.99
CA ILE B 248 -1.79 -29.42 -8.61
C ILE B 248 -3.20 -29.97 -8.45
N ILE B 249 -3.31 -31.04 -7.67
CA ILE B 249 -4.61 -31.61 -7.31
C ILE B 249 -5.11 -30.90 -6.07
N MET B 250 -6.23 -30.20 -6.19
CA MET B 250 -6.76 -29.37 -5.12
C MET B 250 -7.82 -30.16 -4.35
N ASP B 251 -7.48 -30.56 -3.13
CA ASP B 251 -8.38 -31.31 -2.26
C ASP B 251 -8.96 -30.37 -1.21
N SER B 252 -10.28 -30.42 -1.04
CA SER B 252 -10.93 -29.52 -0.09
C SER B 252 -10.62 -29.92 1.35
N SER B 253 -10.51 -31.23 1.62
CA SER B 253 -10.23 -31.69 2.98
C SER B 253 -8.88 -31.17 3.49
N THR B 254 -7.96 -30.83 2.58
CA THR B 254 -6.71 -30.22 3.00
C THR B 254 -6.96 -28.91 3.74
N TYR B 255 -8.11 -28.27 3.50
CA TYR B 255 -8.49 -27.02 4.16
C TYR B 255 -9.66 -27.23 5.11
N GLY B 256 -9.85 -28.46 5.60
CA GLY B 256 -10.73 -28.72 6.72
C GLY B 256 -12.15 -29.11 6.38
N VAL B 257 -12.58 -28.97 5.13
CA VAL B 257 -13.95 -29.25 4.73
C VAL B 257 -13.94 -30.48 3.84
N PRO B 258 -14.73 -31.51 4.13
CA PRO B 258 -14.62 -32.77 3.38
C PRO B 258 -15.09 -32.65 1.95
N VAL B 259 -14.55 -33.53 1.10
CA VAL B 259 -14.90 -33.56 -0.33
C VAL B 259 -16.37 -33.92 -0.51
N ASN B 260 -16.92 -34.78 0.36
CA ASN B 260 -18.27 -35.28 0.17
C ASN B 260 -19.32 -34.21 0.39
N SER B 261 -19.01 -33.17 1.17
CA SER B 261 -19.99 -32.18 1.56
C SER B 261 -20.33 -31.27 0.38
N PRO B 262 -21.41 -30.48 0.49
CA PRO B 262 -21.83 -29.66 -0.66
C PRO B 262 -20.77 -28.67 -1.12
N ASN B 263 -20.08 -27.99 -0.21
CA ASN B 263 -19.07 -27.01 -0.58
C ASN B 263 -17.71 -27.66 -0.85
N GLY B 264 -17.56 -28.96 -0.63
CA GLY B 264 -16.31 -29.64 -0.92
C GLY B 264 -16.11 -29.88 -2.40
N TYR B 265 -14.92 -30.34 -2.74
CA TYR B 265 -14.54 -30.51 -4.15
C TYR B 265 -13.22 -31.26 -4.22
N ARG B 266 -12.92 -31.74 -5.43
CA ARG B 266 -11.61 -32.31 -5.74
C ARG B 266 -11.45 -32.25 -7.25
N THR B 267 -10.46 -31.51 -7.72
CA THR B 267 -10.25 -31.34 -9.17
C THR B 267 -8.81 -30.96 -9.42
N ASP B 268 -8.31 -31.35 -10.60
CA ASP B 268 -6.97 -30.98 -11.02
C ASP B 268 -6.98 -29.58 -11.61
N VAL B 269 -5.88 -28.86 -11.40
CA VAL B 269 -5.78 -27.46 -11.79
C VAL B 269 -4.39 -27.20 -12.36
N ASP B 270 -4.32 -26.28 -13.32
CA ASP B 270 -3.06 -25.90 -13.96
C ASP B 270 -2.68 -24.48 -13.58
N TRP B 271 -1.38 -24.21 -13.60
CA TRP B 271 -0.83 -22.88 -13.35
C TRP B 271 -1.50 -22.20 -12.16
N ALA B 272 -1.29 -22.74 -10.96
CA ALA B 272 -1.93 -22.24 -9.75
C ALA B 272 -0.90 -21.56 -8.87
N THR B 273 -1.24 -20.39 -8.35
CA THR B 273 -0.39 -19.64 -7.44
C THR B 273 -1.15 -19.45 -6.12
N GLN B 274 -0.60 -20.01 -5.05
CA GLN B 274 -1.21 -19.90 -3.73
C GLN B 274 -0.99 -18.50 -3.18
N ILE B 275 -2.04 -17.90 -2.63
CA ILE B 275 -1.91 -16.58 -2.01
C ILE B 275 -2.51 -16.58 -0.61
N SER B 276 -2.93 -17.75 -0.12
CA SER B 276 -3.41 -17.85 1.24
C SER B 276 -3.39 -19.31 1.67
N TYR B 277 -3.13 -19.53 2.97
CA TYR B 277 -3.19 -20.87 3.52
C TYR B 277 -4.62 -21.40 3.51
N SER B 278 -5.61 -20.52 3.71
CA SER B 278 -7.00 -20.93 3.66
C SER B 278 -7.36 -21.56 2.32
N GLY B 279 -6.62 -21.25 1.26
CA GLY B 279 -6.78 -21.92 -0.01
C GLY B 279 -7.14 -21.03 -1.18
N VAL B 280 -6.79 -19.75 -1.12
CA VAL B 280 -7.07 -18.83 -2.22
C VAL B 280 -5.94 -18.90 -3.23
N PHE B 281 -6.30 -19.07 -4.50
CA PHE B 281 -5.34 -19.22 -5.59
C PHE B 281 -5.69 -18.30 -6.75
N VAL B 282 -4.68 -18.01 -7.55
CA VAL B 282 -4.85 -17.55 -8.92
C VAL B 282 -4.50 -18.74 -9.82
N HIS B 283 -5.49 -19.24 -10.56
CA HIS B 283 -5.28 -20.46 -11.32
C HIS B 283 -6.11 -20.44 -12.59
N SER B 284 -5.69 -21.27 -13.55
CA SER B 284 -6.41 -21.42 -14.80
C SER B 284 -7.78 -22.04 -14.56
N ALA B 285 -8.80 -21.48 -15.22
CA ALA B 285 -10.18 -21.94 -15.07
C ALA B 285 -10.87 -21.84 -16.42
N PRO B 286 -10.62 -22.79 -17.32
CA PRO B 286 -11.33 -22.78 -18.61
C PRO B 286 -12.84 -22.90 -18.46
N TRP B 287 -13.31 -23.63 -17.45
CA TRP B 287 -14.74 -23.88 -17.27
C TRP B 287 -15.52 -22.63 -16.93
N SER B 288 -14.86 -21.53 -16.54
CA SER B 288 -15.54 -20.30 -16.16
C SER B 288 -15.09 -19.12 -17.02
N VAL B 289 -14.52 -19.38 -18.20
CA VAL B 289 -14.08 -18.30 -19.08
C VAL B 289 -15.23 -17.34 -19.36
N GLY B 290 -16.44 -17.88 -19.52
CA GLY B 290 -17.58 -17.03 -19.82
C GLY B 290 -17.97 -16.11 -18.68
N ALA B 291 -17.82 -16.58 -17.44
CA ALA B 291 -18.21 -15.77 -16.29
C ALA B 291 -17.13 -14.78 -15.88
N GLN B 292 -15.86 -15.09 -16.17
CA GLN B 292 -14.76 -14.22 -15.78
C GLN B 292 -15.01 -12.79 -16.27
N GLY B 293 -14.94 -11.84 -15.35
CA GLY B 293 -15.25 -10.46 -15.64
C GLY B 293 -16.71 -10.11 -15.62
N HIS B 294 -17.57 -11.00 -15.12
CA HIS B 294 -19.00 -10.75 -15.10
C HIS B 294 -19.62 -11.14 -13.76
N THR B 295 -19.44 -12.39 -13.35
CA THR B 295 -20.05 -12.89 -12.13
C THR B 295 -19.10 -13.85 -11.43
N ASN B 296 -19.25 -13.94 -10.10
CA ASN B 296 -18.43 -14.80 -9.27
C ASN B 296 -19.02 -16.20 -9.20
N THR B 297 -18.15 -17.21 -9.31
CA THR B 297 -18.61 -18.58 -9.46
C THR B 297 -17.81 -19.62 -8.69
N SER B 298 -16.73 -19.24 -8.01
CA SER B 298 -15.80 -20.21 -7.46
C SER B 298 -16.01 -20.36 -5.94
N HIS B 299 -15.24 -21.26 -5.32
CA HIS B 299 -15.28 -21.49 -3.86
C HIS B 299 -14.49 -20.38 -3.15
N GLY B 300 -13.98 -19.42 -3.91
CA GLY B 300 -13.21 -18.28 -3.37
C GLY B 300 -11.91 -18.01 -4.12
N CYS B 301 -11.45 -18.93 -4.96
CA CYS B 301 -10.22 -18.73 -5.70
C CYS B 301 -10.43 -17.68 -6.80
N LEU B 302 -9.39 -16.97 -7.21
CA LEU B 302 -9.50 -16.01 -8.33
C LEU B 302 -9.35 -16.77 -9.64
N ASN B 303 -10.46 -17.16 -10.28
CA ASN B 303 -10.50 -17.91 -11.56
C ASN B 303 -10.06 -16.96 -12.69
N VAL B 304 -9.16 -17.37 -13.57
CA VAL B 304 -8.69 -16.62 -14.71
C VAL B 304 -8.54 -17.56 -15.89
N SER B 305 -8.26 -16.99 -17.06
CA SER B 305 -8.05 -17.78 -18.25
C SER B 305 -6.71 -18.52 -18.18
N PRO B 306 -6.56 -19.60 -18.93
CA PRO B 306 -5.27 -20.31 -18.91
C PRO B 306 -4.10 -19.43 -19.31
N SER B 307 -4.26 -18.63 -20.36
CA SER B 307 -3.19 -17.73 -20.77
C SER B 307 -2.79 -16.79 -19.63
N ASN B 308 -3.77 -16.28 -18.89
CA ASN B 308 -3.48 -15.36 -17.81
C ASN B 308 -2.93 -16.09 -16.58
N ALA B 309 -3.47 -17.27 -16.28
CA ALA B 309 -2.94 -18.06 -15.18
C ALA B 309 -1.45 -18.35 -15.38
N GLN B 310 -1.09 -18.84 -16.56
CA GLN B 310 0.31 -19.12 -16.86
C GLN B 310 1.13 -17.84 -16.84
N TRP B 311 0.57 -16.74 -17.35
CA TRP B 311 1.27 -15.46 -17.28
C TRP B 311 1.58 -15.10 -15.83
N PHE B 312 0.61 -15.34 -14.93
CA PHE B 312 0.83 -15.04 -13.51
C PHE B 312 1.91 -15.94 -12.92
N TYR B 313 1.88 -17.23 -13.26
CA TYR B 313 2.90 -18.16 -12.80
C TYR B 313 4.29 -17.69 -13.22
N ASP B 314 4.41 -17.11 -14.41
CA ASP B 314 5.72 -16.76 -14.93
C ASP B 314 6.22 -15.40 -14.44
N HIS B 315 5.31 -14.50 -14.06
CA HIS B 315 5.67 -13.13 -13.73
C HIS B 315 5.42 -12.78 -12.27
N VAL B 316 4.91 -13.70 -11.46
CA VAL B 316 4.65 -13.46 -10.05
C VAL B 316 5.61 -14.32 -9.23
N LYS B 317 6.37 -13.68 -8.35
CA LYS B 317 7.34 -14.37 -7.51
C LYS B 317 6.86 -14.42 -6.07
N ARG B 318 7.46 -15.34 -5.31
CA ARG B 318 7.16 -15.45 -3.90
C ARG B 318 7.38 -14.10 -3.22
N GLY B 319 6.38 -13.64 -2.47
CA GLY B 319 6.44 -12.37 -1.80
C GLY B 319 5.65 -11.24 -2.44
N ASP B 320 5.22 -11.42 -3.69
CA ASP B 320 4.40 -10.41 -4.34
C ASP B 320 3.03 -10.32 -3.68
N ILE B 321 2.36 -9.20 -3.91
CA ILE B 321 1.13 -8.85 -3.21
C ILE B 321 -0.06 -8.98 -4.15
N VAL B 322 -1.14 -9.56 -3.65
CA VAL B 322 -2.45 -9.53 -4.29
C VAL B 322 -3.43 -8.92 -3.30
N GLU B 323 -4.20 -7.94 -3.76
CA GLU B 323 -5.12 -7.20 -2.90
C GLU B 323 -6.53 -7.33 -3.47
N VAL B 324 -7.46 -7.82 -2.65
CA VAL B 324 -8.86 -7.95 -3.02
C VAL B 324 -9.66 -6.85 -2.33
N VAL B 325 -10.63 -6.28 -3.03
CA VAL B 325 -11.41 -5.16 -2.52
C VAL B 325 -12.83 -5.24 -3.06
N ASN B 326 -13.77 -4.76 -2.26
CA ASN B 326 -15.16 -4.56 -2.65
C ASN B 326 -15.94 -5.86 -2.83
N THR B 327 -15.46 -6.96 -2.26
CA THR B 327 -16.21 -8.20 -2.30
C THR B 327 -17.23 -8.24 -1.16
N VAL B 328 -18.19 -9.16 -1.29
CA VAL B 328 -19.19 -9.34 -0.24
C VAL B 328 -18.65 -10.12 0.96
N GLY B 329 -17.43 -10.63 0.88
CA GLY B 329 -16.84 -11.35 1.98
C GLY B 329 -16.33 -10.42 3.07
N GLY B 330 -15.69 -11.03 4.07
CA GLY B 330 -15.12 -10.27 5.16
C GLY B 330 -13.71 -9.81 4.86
N THR B 331 -12.81 -9.94 5.82
CA THR B 331 -11.42 -9.60 5.65
C THR B 331 -10.56 -10.81 5.97
N LEU B 332 -9.51 -11.01 5.18
CA LEU B 332 -8.66 -12.18 5.35
C LEU B 332 -8.05 -12.19 6.76
N PRO B 333 -8.18 -13.30 7.49
CA PRO B 333 -7.54 -13.38 8.81
C PRO B 333 -6.07 -12.99 8.75
N GLY B 334 -5.68 -12.07 9.62
CA GLY B 334 -4.32 -11.57 9.63
C GLY B 334 -3.27 -12.63 9.90
N ILE B 335 -3.67 -13.79 10.42
CA ILE B 335 -2.77 -14.88 10.76
C ILE B 335 -2.98 -16.09 9.85
N ASP B 336 -3.64 -15.90 8.71
CA ASP B 336 -3.87 -17.01 7.80
C ASP B 336 -2.58 -17.78 7.54
N GLY B 337 -1.47 -17.06 7.40
CA GLY B 337 -0.21 -17.67 6.97
C GLY B 337 0.40 -16.84 5.85
N LEU B 338 -0.46 -16.17 5.08
CA LEU B 338 -0.03 -15.23 4.04
C LEU B 338 -0.80 -13.93 4.11
N GLY B 339 -1.51 -13.68 5.22
CA GLY B 339 -2.28 -12.47 5.38
C GLY B 339 -1.70 -11.54 6.43
N ASP B 340 -0.39 -11.61 6.63
CA ASP B 340 0.25 -10.86 7.70
C ASP B 340 -0.07 -9.38 7.62
N TRP B 341 -0.17 -8.83 6.41
CA TRP B 341 -0.36 -7.40 6.25
C TRP B 341 -1.76 -6.94 6.63
N ASN B 342 -2.71 -7.85 6.82
CA ASN B 342 -4.05 -7.46 7.22
C ASN B 342 -4.12 -7.00 8.67
N ILE B 343 -3.09 -7.27 9.47
CA ILE B 343 -3.05 -6.79 10.85
C ILE B 343 -2.51 -5.36 10.86
N PRO B 344 -3.16 -4.42 11.54
CA PRO B 344 -2.64 -3.05 11.56
C PRO B 344 -1.29 -2.99 12.26
N TRP B 345 -0.50 -1.98 11.90
CA TRP B 345 0.88 -1.89 12.38
C TRP B 345 0.93 -1.80 13.91
N ASP B 346 0.06 -1.00 14.52
CA ASP B 346 0.10 -0.84 15.96
C ASP B 346 -0.09 -2.17 16.67
N GLN B 347 -1.02 -2.99 16.18
CA GLN B 347 -1.23 -4.31 16.75
C GLN B 347 -0.06 -5.23 16.46
N TRP B 348 0.48 -5.16 15.24
CA TRP B 348 1.57 -6.05 14.85
C TRP B 348 2.82 -5.76 15.67
N ARG B 349 3.18 -4.48 15.82
CA ARG B 349 4.39 -4.15 16.57
C ARG B 349 4.25 -4.49 18.04
N ALA B 350 3.09 -4.23 18.63
CA ALA B 350 2.87 -4.60 20.03
C ALA B 350 3.11 -6.08 20.26
N GLY B 351 2.91 -6.89 19.23
CA GLY B 351 3.23 -8.31 19.31
C GLY B 351 2.31 -9.04 20.27
N ASN B 352 2.57 -10.35 20.38
CA ASN B 352 1.87 -11.22 21.32
C ASN B 352 2.87 -12.12 22.04
N ALA B 353 4.07 -11.59 22.30
CA ALA B 353 5.06 -12.35 23.05
C ALA B 353 4.66 -12.54 24.50
N LYS B 354 3.84 -11.65 25.05
CA LYS B 354 3.43 -11.71 26.45
C LYS B 354 4.63 -11.63 27.38
C10 KUL C . -13.60 32.27 -30.28
C20 KUL C . -10.35 29.41 -31.12
C22 KUL C . -9.20 28.63 -31.10
C01 KUL C . -6.01 31.83 -28.80
C04 KUL C . -7.89 30.61 -30.77
C05 KUL C . -9.04 31.37 -30.79
C06 KUL C . -10.28 30.78 -30.97
C08 KUL C . -12.25 32.19 -32.14
C09 KUL C . -13.35 32.98 -31.57
C18 KUL C . -12.14 32.10 -29.80
C23 KUL C . -7.96 29.23 -30.92
F21 KUL C . -11.56 28.80 -31.29
N07 KUL C . -11.47 31.62 -30.97
O03 KUL C . -6.16 32.61 -31.39
O17 KUL C . -12.04 32.03 -33.29
O19 KUL C . -11.67 32.29 -28.74
O24 KUL C . -5.19 30.58 -31.06
S02 KUL C . -6.28 31.41 -30.55
C1 EDO D . -16.93 7.59 -27.01
O1 EDO D . -16.10 7.86 -25.87
C2 EDO D . -17.69 6.29 -26.76
O2 EDO D . -18.52 6.42 -25.61
S DMS E . -13.28 19.79 -15.52
O DMS E . -14.34 19.51 -14.52
C1 DMS E . -13.41 21.52 -16.09
C2 DMS E . -13.72 18.92 -17.05
S DMS F . -27.06 39.38 -23.35
O DMS F . -25.86 39.55 -22.48
C1 DMS F . -26.70 38.21 -24.68
C2 DMS F . -28.34 38.46 -22.44
C1 GOL G . -12.08 10.31 29.49
O1 GOL G . -10.94 10.76 30.21
C2 GOL G . -13.04 11.44 29.23
O2 GOL G . -13.08 12.29 30.37
C3 GOL G . -12.69 12.23 27.99
O3 GOL G . -12.90 11.47 26.81
C1 EDO H . 5.58 22.25 17.73
O1 EDO H . 6.12 22.53 16.43
C2 EDO H . 5.88 20.81 18.12
O2 EDO H . 7.30 20.62 18.24
S DMS I . 0.83 39.65 -24.92
O DMS I . 0.23 39.28 -23.62
C1 DMS I . 0.03 41.13 -25.46
C2 DMS I . 0.15 38.56 -26.13
NA NA J . 0.18 -15.34 40.28
NA NA K . -13.35 37.24 -33.69
CL CL L . -10.92 35.16 -23.48
CL CL M . -11.53 28.95 -45.96
CL CL N . -10.23 13.42 26.29
CL CL O . -6.55 28.33 -6.62
C10 KUL P . -9.03 -22.69 -5.08
C20 KUL P . -10.58 -20.66 -1.48
C22 KUL P . -10.91 -20.27 -0.19
C01 KUL P . -14.33 -23.33 1.37
C04 KUL P . -11.76 -22.44 0.22
C05 KUL P . -11.43 -22.83 -1.06
C06 KUL P . -10.85 -21.94 -1.95
C08 KUL P . -11.17 -22.23 -4.64
C09 KUL P . -10.37 -22.91 -5.65
C18 KUL P . -9.34 -23.15 -3.65
C23 KUL P . -11.50 -21.16 0.67
F21 KUL P . -10.01 -19.75 -2.28
N07 KUL P . -10.49 -22.38 -3.30
O03 KUL P . -12.23 -24.99 0.93
O17 KUL P . -12.15 -21.66 -4.92
O19 KUL P . -8.79 -23.93 -2.97
O24 KUL P . -11.97 -23.59 2.69
S02 KUL P . -12.54 -23.63 1.34
S DMS Q . 32.76 -31.37 22.64
O DMS Q . 33.05 -31.59 24.10
C1 DMS Q . 33.67 -29.92 22.06
C2 DMS Q . 31.06 -30.77 22.45
S DMS R . 6.65 -17.01 5.03
O DMS R . 6.66 -18.48 4.76
C1 DMS R . 8.23 -16.31 4.50
C2 DMS R . 5.54 -16.18 3.86
C1 EDO S . 26.96 -34.72 32.13
O1 EDO S . 27.33 -33.49 32.76
C2 EDO S . 28.23 -35.52 31.84
O2 EDO S . 29.00 -35.63 33.02
NA NA T . 47.35 -26.41 31.30
#